data_3K7R
#
_entry.id   3K7R
#
_cell.length_a   109.887
_cell.length_b   182.242
_cell.length_c   52.722
_cell.angle_alpha   90.00
_cell.angle_beta   90.00
_cell.angle_gamma   90.00
#
_symmetry.space_group_name_H-M   'P 21 21 2'
#
loop_
_entity.id
_entity.type
_entity.pdbx_description
1 polymer 'Metal homeostasis factor ATX1'
2 non-polymer 'COPPER (II) ION'
3 non-polymer TETRATHIOMOLYBDATE
4 non-polymer D-MALATE
5 water water
#
_entity_poly.entity_id   1
_entity_poly.type   'polypeptide(L)'
_entity_poly.pdbx_seq_one_letter_code
;MAEIKHYQFNVVMTCSGCSGAVNKVLTKLEPDVSKIDISLEKQLVDVYTTLPYDFILEKIKKTGKEVRSGKQL
;
_entity_poly.pdbx_strand_id   A,B,C,D,E,F,G,H,I,J,K,L
#
# COMPACT_ATOMS: atom_id res chain seq x y z
N GLU A 3 -12.20 63.97 -5.46
CA GLU A 3 -11.47 63.93 -6.77
C GLU A 3 -10.46 62.74 -6.96
N ILE A 4 -10.71 61.96 -8.02
CA ILE A 4 -9.90 60.80 -8.39
C ILE A 4 -8.39 61.13 -8.39
N LYS A 5 -7.64 60.33 -7.65
CA LYS A 5 -6.18 60.44 -7.50
C LYS A 5 -5.52 59.24 -8.17
N HIS A 6 -4.22 59.37 -8.46
CA HIS A 6 -3.44 58.35 -9.17
C HIS A 6 -2.19 57.95 -8.37
N TYR A 7 -2.14 56.67 -8.00
CA TYR A 7 -1.04 56.08 -7.27
C TYR A 7 -0.37 54.98 -8.11
N GLN A 8 0.94 54.81 -7.93
CA GLN A 8 1.71 53.73 -8.57
C GLN A 8 2.66 53.02 -7.57
N PHE A 9 2.49 51.71 -7.44
CA PHE A 9 3.32 50.92 -6.58
C PHE A 9 4.20 49.99 -7.39
N ASN A 10 5.42 49.75 -6.90
CA ASN A 10 6.34 48.84 -7.51
C ASN A 10 6.46 47.53 -6.73
N VAL A 11 5.68 46.51 -7.17
CA VAL A 11 5.38 45.34 -6.33
C VAL A 11 6.02 44.06 -6.87
N VAL A 12 6.61 43.24 -6.01
CA VAL A 12 7.34 42.10 -6.50
C VAL A 12 6.36 40.94 -6.82
N MET A 13 6.05 40.78 -8.10
CA MET A 13 5.09 39.76 -8.53
C MET A 13 5.79 38.85 -9.50
N THR A 14 5.73 37.55 -9.22
CA THR A 14 6.47 36.62 -10.00
C THR A 14 5.60 35.86 -11.01
N CYS A 15 4.48 35.30 -10.54
CA CYS A 15 3.57 34.62 -11.46
C CYS A 15 2.26 35.35 -11.53
N SER A 16 1.43 34.85 -12.45
CA SER A 16 0.14 35.42 -12.73
C SER A 16 -0.82 35.28 -11.52
N GLY A 17 -0.48 34.44 -10.57
CA GLY A 17 -1.20 34.40 -9.29
C GLY A 17 -0.94 35.62 -8.42
N CYS A 18 0.30 36.08 -8.38
CA CYS A 18 0.67 37.29 -7.66
C CYS A 18 -0.06 38.54 -8.17
N SER A 19 -0.05 38.75 -9.49
CA SER A 19 -0.73 39.86 -10.11
C SER A 19 -2.25 39.71 -9.98
N GLY A 20 -2.76 38.50 -10.09
CA GLY A 20 -4.20 38.23 -9.84
C GLY A 20 -4.64 38.59 -8.42
N ALA A 21 -3.78 38.29 -7.45
CA ALA A 21 -4.09 38.54 -6.04
C ALA A 21 -4.23 40.02 -5.71
N VAL A 22 -3.34 40.83 -6.29
CA VAL A 22 -3.39 42.31 -6.24
C VAL A 22 -4.60 42.89 -6.96
N ASN A 23 -4.86 42.40 -8.16
CA ASN A 23 -6.05 42.76 -8.89
C ASN A 23 -7.29 42.53 -8.01
N LYS A 24 -7.40 41.32 -7.45
CA LYS A 24 -8.51 40.92 -6.62
C LYS A 24 -8.85 41.91 -5.53
N VAL A 25 -7.85 42.31 -4.74
CA VAL A 25 -8.13 43.26 -3.64
C VAL A 25 -8.52 44.68 -4.09
N LEU A 26 -7.98 45.11 -5.23
CA LEU A 26 -8.34 46.42 -5.79
C LEU A 26 -9.74 46.37 -6.36
N THR A 27 -10.05 45.25 -7.00
CA THR A 27 -11.38 45.06 -7.53
C THR A 27 -12.54 45.12 -6.49
N LYS A 28 -12.23 44.81 -5.24
CA LYS A 28 -13.22 44.87 -4.16
C LYS A 28 -13.54 46.31 -3.82
N LEU A 29 -12.67 47.23 -4.22
CA LEU A 29 -12.79 48.62 -3.86
C LEU A 29 -13.49 49.44 -4.93
N GLU A 30 -13.94 48.75 -5.97
CA GLU A 30 -14.84 49.34 -6.95
C GLU A 30 -16.18 49.64 -6.29
N PRO A 31 -16.82 50.77 -6.67
CA PRO A 31 -16.37 51.68 -7.69
C PRO A 31 -15.51 52.84 -7.16
N ASP A 32 -15.05 52.78 -5.91
CA ASP A 32 -14.17 53.84 -5.39
C ASP A 32 -12.80 53.76 -6.08
N VAL A 33 -12.40 52.54 -6.43
CA VAL A 33 -11.37 52.34 -7.44
C VAL A 33 -12.08 52.31 -8.80
N SER A 34 -11.81 53.30 -9.65
CA SER A 34 -12.53 53.41 -10.94
C SER A 34 -11.70 52.76 -12.04
N LYS A 35 -10.41 52.65 -11.82
CA LYS A 35 -9.53 52.09 -12.82
C LYS A 35 -8.34 51.36 -12.22
N ILE A 36 -8.08 50.16 -12.74
CA ILE A 36 -6.96 49.32 -12.29
C ILE A 36 -6.09 48.97 -13.49
N ASP A 37 -4.77 49.14 -13.33
CA ASP A 37 -3.86 48.79 -14.38
C ASP A 37 -2.60 48.15 -13.85
N ILE A 38 -2.42 46.86 -14.13
CA ILE A 38 -1.31 46.09 -13.57
C ILE A 38 -0.51 45.43 -14.67
N SER A 39 0.81 45.52 -14.54
CA SER A 39 1.73 44.83 -15.39
C SER A 39 2.62 43.94 -14.54
N LEU A 40 2.50 42.65 -14.78
CA LEU A 40 3.30 41.65 -14.16
C LEU A 40 4.73 41.94 -14.51
N GLU A 41 4.96 42.09 -15.82
CA GLU A 41 6.31 42.09 -16.41
C GLU A 41 7.14 43.28 -15.95
N LYS A 42 6.54 44.47 -15.90
CA LYS A 42 7.27 45.63 -15.34
C LYS A 42 7.13 45.72 -13.82
N GLN A 43 6.35 44.80 -13.24
CA GLN A 43 6.17 44.74 -11.78
C GLN A 43 5.52 45.99 -11.16
N LEU A 44 4.71 46.67 -11.97
CA LEU A 44 4.03 47.90 -11.58
C LEU A 44 2.51 47.74 -11.36
N VAL A 45 1.97 48.55 -10.48
CA VAL A 45 0.56 48.52 -10.18
C VAL A 45 0.13 49.98 -10.15
N ASP A 46 -0.90 50.31 -10.94
CA ASP A 46 -1.44 51.66 -11.06
C ASP A 46 -2.86 51.68 -10.64
N VAL A 47 -3.22 52.65 -9.83
CA VAL A 47 -4.54 52.66 -9.28
C VAL A 47 -5.18 54.00 -9.39
N TYR A 48 -6.43 54.04 -9.83
CA TYR A 48 -7.22 55.26 -9.83
C TYR A 48 -8.39 55.10 -8.86
N THR A 49 -8.35 55.92 -7.80
CA THR A 49 -9.35 55.87 -6.72
C THR A 49 -9.59 57.22 -6.01
N THR A 50 -10.67 57.29 -5.23
CA THR A 50 -10.91 58.46 -4.37
C THR A 50 -10.21 58.31 -3.00
N LEU A 51 -9.73 57.10 -2.73
CA LEU A 51 -9.25 56.67 -1.42
C LEU A 51 -7.80 57.08 -1.15
N PRO A 52 -7.42 57.17 0.16
CA PRO A 52 -6.08 57.60 0.60
C PRO A 52 -4.98 56.62 0.24
N TYR A 53 -3.83 57.16 -0.15
CA TYR A 53 -2.63 56.39 -0.42
C TYR A 53 -2.45 55.30 0.65
N ASP A 54 -2.48 55.73 1.91
CA ASP A 54 -2.19 54.85 3.05
C ASP A 54 -3.13 53.64 3.13
N PHE A 55 -4.39 53.89 2.81
CA PHE A 55 -5.42 52.85 2.72
C PHE A 55 -5.16 51.79 1.61
N ILE A 56 -4.58 52.22 0.49
CA ILE A 56 -4.26 51.35 -0.65
C ILE A 56 -2.91 50.70 -0.46
N LEU A 57 -1.98 51.41 0.18
CA LEU A 57 -0.71 50.75 0.48
C LEU A 57 -0.93 49.48 1.28
N GLU A 58 -1.69 49.59 2.38
CA GLU A 58 -1.96 48.48 3.29
CA GLU A 58 -1.97 48.48 3.29
C GLU A 58 -2.71 47.33 2.61
N LYS A 59 -3.75 47.65 1.85
CA LYS A 59 -4.60 46.64 1.18
C LYS A 59 -3.79 45.67 0.33
N ILE A 60 -2.77 46.23 -0.33
CA ILE A 60 -1.86 45.57 -1.24
C ILE A 60 -0.81 44.75 -0.49
N LYS A 61 -0.29 45.27 0.62
CA LYS A 61 0.68 44.51 1.43
C LYS A 61 -0.03 43.33 2.11
N LYS A 62 -1.31 43.51 2.44
CA LYS A 62 -2.09 42.41 2.97
C LYS A 62 -2.00 41.15 2.12
N THR A 63 -1.55 41.25 0.87
CA THR A 63 -1.52 40.08 -0.01
C THR A 63 -0.23 39.32 0.27
N GLY A 64 0.70 40.01 0.93
CA GLY A 64 1.99 39.46 1.32
C GLY A 64 3.05 39.64 0.24
N LYS A 65 2.68 40.32 -0.86
CA LYS A 65 3.64 40.61 -1.91
C LYS A 65 4.39 41.84 -1.49
N GLU A 66 5.71 41.79 -1.70
CA GLU A 66 6.59 42.89 -1.31
C GLU A 66 6.23 44.11 -2.15
N VAL A 67 5.98 45.21 -1.46
CA VAL A 67 5.89 46.52 -2.09
C VAL A 67 7.26 47.17 -1.94
N ARG A 68 8.02 47.28 -3.03
CA ARG A 68 9.33 47.92 -3.00
C ARG A 68 9.23 49.43 -2.72
N SER A 69 8.32 50.11 -3.41
CA SER A 69 8.26 51.59 -3.41
C SER A 69 6.89 52.08 -3.84
N GLY A 70 6.53 53.30 -3.47
CA GLY A 70 5.22 53.88 -3.81
C GLY A 70 5.36 55.30 -4.32
N LYS A 71 4.24 55.91 -4.72
CA LYS A 71 4.18 57.36 -5.02
C LYS A 71 2.80 57.85 -5.50
N GLN A 72 2.64 59.16 -5.65
CA GLN A 72 1.38 59.70 -6.13
C GLN A 72 1.61 60.72 -7.25
N ALA B 2 -11.54 6.05 18.01
CA ALA B 2 -12.01 5.89 16.59
C ALA B 2 -11.82 7.16 15.72
N GLU B 3 -12.02 8.32 16.35
CA GLU B 3 -12.46 9.57 15.69
C GLU B 3 -11.72 10.13 14.49
N ILE B 4 -12.51 10.26 13.44
CA ILE B 4 -12.12 10.94 12.23
C ILE B 4 -12.59 12.41 12.35
N LYS B 5 -11.60 13.28 12.55
CA LYS B 5 -11.85 14.70 12.84
C LYS B 5 -11.73 15.54 11.58
N HIS B 6 -12.47 16.63 11.55
CA HIS B 6 -12.51 17.52 10.40
C HIS B 6 -12.00 18.91 10.81
N TYR B 7 -10.90 19.31 10.15
CA TYR B 7 -10.25 20.61 10.34
C TYR B 7 -10.35 21.45 9.07
N GLN B 8 -10.57 22.75 9.24
CA GLN B 8 -10.59 23.68 8.16
C GLN B 8 -9.68 24.86 8.49
N PHE B 9 -8.84 25.21 7.54
CA PHE B 9 -7.87 26.27 7.72
C PHE B 9 -8.04 27.22 6.57
N ASN B 10 -8.01 28.52 6.91
CA ASN B 10 -7.90 29.61 5.94
C ASN B 10 -6.40 29.76 5.68
N VAL B 11 -5.94 29.47 4.46
CA VAL B 11 -4.51 29.54 4.16
C VAL B 11 -4.36 30.41 2.95
N VAL B 12 -3.38 31.32 3.01
CA VAL B 12 -3.08 32.26 1.93
C VAL B 12 -2.39 31.49 0.82
N MET B 13 -3.17 31.00 -0.13
CA MET B 13 -2.65 30.33 -1.33
C MET B 13 -2.93 31.20 -2.51
N THR B 14 -1.85 31.67 -3.16
CA THR B 14 -2.00 32.69 -4.14
C THR B 14 -2.15 32.14 -5.56
N CYS B 15 -1.44 31.06 -5.88
CA CYS B 15 -1.56 30.40 -7.18
C CYS B 15 -1.64 28.91 -6.91
N SER B 16 -1.78 28.11 -7.96
CA SER B 16 -1.93 26.66 -7.76
C SER B 16 -0.64 25.95 -7.38
N GLY B 17 0.47 26.70 -7.44
CA GLY B 17 1.71 26.21 -6.80
C GLY B 17 1.58 26.20 -5.30
N CYS B 18 1.04 27.28 -4.74
CA CYS B 18 0.83 27.42 -3.30
C CYS B 18 -0.14 26.33 -2.77
N SER B 19 -1.29 26.20 -3.42
CA SER B 19 -2.24 25.16 -3.00
C SER B 19 -1.64 23.75 -3.17
N GLY B 20 -0.91 23.55 -4.27
CA GLY B 20 -0.18 22.30 -4.56
C GLY B 20 0.91 22.02 -3.52
N ALA B 21 1.59 23.04 -3.00
CA ALA B 21 2.54 22.83 -1.92
C ALA B 21 1.86 22.32 -0.66
N VAL B 22 0.69 22.93 -0.36
CA VAL B 22 -0.11 22.47 0.76
C VAL B 22 -0.60 21.05 0.56
N ASN B 23 -1.05 20.73 -0.65
CA ASN B 23 -1.61 19.37 -0.96
C ASN B 23 -0.57 18.29 -0.77
N LYS B 24 0.66 18.56 -1.24
CA LYS B 24 1.80 17.63 -1.10
C LYS B 24 2.20 17.31 0.34
N VAL B 25 2.29 18.31 1.23
CA VAL B 25 2.56 18.04 2.65
C VAL B 25 1.49 17.16 3.26
N LEU B 26 0.24 17.34 2.84
CA LEU B 26 -0.88 16.58 3.41
C LEU B 26 -1.13 15.22 2.80
N THR B 27 -0.67 14.99 1.58
CA THR B 27 -0.76 13.66 0.99
C THR B 27 0.41 12.81 1.51
N LYS B 28 1.48 13.43 1.98
CA LYS B 28 2.53 12.65 2.68
C LYS B 28 2.03 12.05 4.01
N LEU B 29 0.79 12.34 4.41
CA LEU B 29 0.27 11.91 5.72
C LEU B 29 -0.83 10.90 5.58
N GLU B 30 -1.09 10.47 4.34
CA GLU B 30 -2.02 9.34 4.10
C GLU B 30 -1.39 8.08 4.69
N PRO B 31 -2.22 7.17 5.21
CA PRO B 31 -3.69 7.20 5.17
C PRO B 31 -4.32 7.81 6.42
N ASP B 32 -3.47 8.26 7.35
CA ASP B 32 -3.94 8.97 8.58
C ASP B 32 -4.87 10.15 8.14
N VAL B 33 -4.47 10.80 7.08
CA VAL B 33 -5.32 11.79 6.44
C VAL B 33 -6.14 11.01 5.41
N SER B 34 -7.45 10.96 5.62
CA SER B 34 -8.35 10.19 4.79
C SER B 34 -8.84 11.00 3.58
N LYS B 35 -9.00 12.31 3.77
CA LYS B 35 -9.56 13.19 2.73
C LYS B 35 -8.93 14.58 2.87
N ILE B 36 -8.75 15.21 1.73
CA ILE B 36 -8.16 16.50 1.62
C ILE B 36 -9.04 17.18 0.61
N ASP B 37 -9.63 18.32 0.98
CA ASP B 37 -10.25 19.17 -0.03
C ASP B 37 -9.68 20.52 0.14
N ILE B 38 -9.09 21.01 -0.95
CA ILE B 38 -8.45 22.29 -1.02
C ILE B 38 -9.24 23.15 -2.00
N SER B 39 -9.51 24.38 -1.58
CA SER B 39 -10.17 25.33 -2.44
C SER B 39 -9.27 26.55 -2.63
N LEU B 40 -8.68 26.69 -3.80
CA LEU B 40 -7.90 27.86 -4.10
C LEU B 40 -8.81 29.09 -4.02
N GLU B 41 -9.93 29.03 -4.75
CA GLU B 41 -10.91 30.12 -4.75
C GLU B 41 -11.19 30.62 -3.36
N LYS B 42 -11.70 29.75 -2.48
CA LYS B 42 -12.11 30.22 -1.13
C LYS B 42 -10.97 30.38 -0.15
N GLN B 43 -9.74 30.00 -0.54
CA GLN B 43 -8.54 30.01 0.34
C GLN B 43 -8.65 29.03 1.52
N LEU B 44 -9.28 27.88 1.30
CA LEU B 44 -9.59 26.98 2.41
C LEU B 44 -8.98 25.65 2.17
N VAL B 45 -8.57 25.02 3.25
CA VAL B 45 -7.99 23.69 3.22
C VAL B 45 -8.75 22.87 4.26
N ASP B 46 -9.38 21.77 3.80
CA ASP B 46 -10.17 20.91 4.65
C ASP B 46 -9.47 19.59 4.74
N VAL B 47 -9.22 19.14 5.97
CA VAL B 47 -8.49 17.91 6.28
C VAL B 47 -9.33 16.97 7.17
N TYR B 48 -9.46 15.70 6.75
CA TYR B 48 -10.15 14.67 7.56
C TYR B 48 -9.14 13.64 8.04
N THR B 49 -8.95 13.53 9.35
CA THR B 49 -7.78 12.84 9.86
C THR B 49 -7.95 12.42 11.29
N THR B 50 -7.05 11.55 11.73
CA THR B 50 -7.07 11.12 13.12
C THR B 50 -5.94 11.85 13.86
N LEU B 51 -5.01 12.41 13.10
CA LEU B 51 -3.91 13.16 13.69
C LEU B 51 -4.38 14.39 14.49
N PRO B 52 -3.55 14.89 15.44
CA PRO B 52 -4.23 15.96 16.18
C PRO B 52 -4.19 17.29 15.41
N TYR B 53 -5.16 18.14 15.70
CA TYR B 53 -5.21 19.47 15.15
C TYR B 53 -3.87 20.18 15.00
N ASP B 54 -3.15 20.38 16.09
CA ASP B 54 -1.92 21.19 16.02
C ASP B 54 -0.78 20.58 15.18
N PHE B 55 -0.76 19.25 15.02
CA PHE B 55 0.21 18.57 14.11
C PHE B 55 -0.05 18.90 12.63
N ILE B 56 -1.32 18.88 12.24
CA ILE B 56 -1.71 19.29 10.88
C ILE B 56 -1.39 20.77 10.67
N LEU B 57 -1.75 21.61 11.63
CA LEU B 57 -1.43 23.03 11.56
C LEU B 57 0.07 23.23 11.31
N GLU B 58 0.93 22.46 11.99
CA GLU B 58 2.36 22.69 11.88
C GLU B 58 2.90 22.34 10.55
N LYS B 59 2.44 21.21 10.03
CA LYS B 59 2.80 20.77 8.68
C LYS B 59 2.47 21.83 7.64
N ILE B 60 1.26 22.39 7.70
CA ILE B 60 0.87 23.45 6.75
C ILE B 60 1.73 24.68 6.93
N LYS B 61 2.05 25.03 8.18
CA LYS B 61 2.94 26.18 8.44
C LYS B 61 4.30 25.97 7.82
N LYS B 62 4.83 24.77 7.93
CA LYS B 62 6.12 24.50 7.37
C LYS B 62 6.25 24.82 5.90
N THR B 63 5.13 24.90 5.17
CA THR B 63 5.19 25.19 3.72
C THR B 63 5.57 26.61 3.51
N GLY B 64 5.43 27.41 4.56
CA GLY B 64 5.70 28.83 4.47
C GLY B 64 4.51 29.67 4.05
N LYS B 65 3.41 29.04 3.65
CA LYS B 65 2.20 29.78 3.34
C LYS B 65 1.53 30.13 4.65
N GLU B 66 1.05 31.35 4.73
CA GLU B 66 0.48 31.89 5.92
C GLU B 66 -0.86 31.23 6.24
N VAL B 67 -1.03 30.82 7.50
CA VAL B 67 -2.31 30.35 7.99
C VAL B 67 -3.07 31.42 8.78
N ARG B 68 -4.08 32.05 8.17
CA ARG B 68 -4.89 33.08 8.85
C ARG B 68 -5.74 32.51 10.01
N SER B 69 -6.29 31.33 9.85
CA SER B 69 -7.23 30.80 10.84
C SER B 69 -7.30 29.28 10.71
N GLY B 70 -7.63 28.63 11.81
CA GLY B 70 -7.81 27.20 11.77
C GLY B 70 -8.90 26.86 12.73
N LYS B 71 -9.74 25.88 12.38
CA LYS B 71 -10.70 25.33 13.33
C LYS B 71 -11.00 23.84 13.18
N GLN B 72 -11.49 23.23 14.25
CA GLN B 72 -12.15 21.92 14.17
C GLN B 72 -13.65 22.13 14.07
N LEU B 73 -14.29 21.41 13.14
CA LEU B 73 -15.75 21.34 13.03
C LEU B 73 -16.27 19.96 13.47
N ALA C 2 38.67 31.45 -15.64
CA ALA C 2 38.96 30.27 -16.50
C ALA C 2 38.22 29.07 -15.95
N GLU C 3 38.39 28.80 -14.66
CA GLU C 3 37.95 27.54 -14.09
C GLU C 3 36.44 27.57 -13.89
N ILE C 4 35.77 26.50 -14.28
CA ILE C 4 34.35 26.43 -14.08
C ILE C 4 34.07 25.88 -12.69
N LYS C 5 33.33 26.63 -11.90
CA LYS C 5 32.96 26.22 -10.56
C LYS C 5 31.55 25.62 -10.61
N HIS C 6 31.26 24.64 -9.76
CA HIS C 6 29.89 24.15 -9.65
C HIS C 6 29.26 24.62 -8.28
N TYR C 7 28.15 25.38 -8.33
CA TYR C 7 27.44 25.89 -7.15
C TYR C 7 26.06 25.24 -7.03
N GLN C 8 25.67 24.89 -5.81
CA GLN C 8 24.27 24.49 -5.62
C GLN C 8 23.55 25.33 -4.58
N PHE C 9 22.32 25.75 -4.89
CA PHE C 9 21.43 26.50 -3.99
C PHE C 9 20.16 25.75 -3.75
N ASN C 10 19.74 25.73 -2.49
CA ASN C 10 18.47 25.19 -2.08
C ASN C 10 17.59 26.47 -1.96
N VAL C 11 16.72 26.67 -2.93
CA VAL C 11 15.97 27.93 -3.05
C VAL C 11 14.48 27.61 -2.91
N VAL C 12 13.78 28.37 -2.09
CA VAL C 12 12.34 28.24 -1.97
C VAL C 12 11.65 28.60 -3.25
N MET C 13 11.09 27.60 -3.91
CA MET C 13 10.49 27.75 -5.22
C MET C 13 9.24 26.88 -5.24
N THR C 14 8.05 27.47 -5.42
CA THR C 14 6.85 26.73 -5.20
C THR C 14 6.09 26.53 -6.49
N CYS C 15 6.19 27.48 -7.41
CA CYS C 15 5.59 27.29 -8.75
C CYS C 15 6.62 27.55 -9.81
N SER C 16 6.24 27.46 -11.05
CA SER C 16 7.18 27.59 -12.12
C SER C 16 7.48 29.07 -12.44
N GLY C 17 6.76 29.99 -11.79
CA GLY C 17 7.13 31.39 -11.77
C GLY C 17 8.38 31.62 -10.88
N CYS C 18 8.32 31.11 -9.67
CA CYS C 18 9.48 31.09 -8.79
C CYS C 18 10.77 30.66 -9.51
N SER C 19 10.68 29.49 -10.19
CA SER C 19 11.79 28.83 -10.77
C SER C 19 12.16 29.51 -12.08
N GLY C 20 11.16 29.88 -12.87
CA GLY C 20 11.38 30.78 -13.99
C GLY C 20 12.03 32.12 -13.66
N ALA C 21 11.75 32.70 -12.50
CA ALA C 21 12.38 34.01 -12.21
C ALA C 21 13.89 33.83 -11.90
N VAL C 22 14.24 32.76 -11.19
CA VAL C 22 15.64 32.39 -10.95
C VAL C 22 16.30 32.11 -12.30
N ASN C 23 15.64 31.31 -13.12
CA ASN C 23 16.18 30.93 -14.39
C ASN C 23 16.56 32.14 -15.21
N LYS C 24 15.72 33.16 -15.16
CA LYS C 24 15.85 34.28 -16.02
C LYS C 24 17.06 35.10 -15.63
N VAL C 25 17.26 35.28 -14.33
CA VAL C 25 18.41 36.04 -13.85
C VAL C 25 19.73 35.34 -14.12
N LEU C 26 19.73 34.02 -14.06
CA LEU C 26 20.90 33.23 -14.40
C LEU C 26 21.27 33.16 -15.90
N THR C 27 20.30 32.91 -16.78
CA THR C 27 20.52 32.98 -18.23
C THR C 27 21.07 34.30 -18.74
N LYS C 28 20.63 35.41 -18.14
CA LYS C 28 21.27 36.71 -18.36
C LYS C 28 22.80 36.75 -18.20
N LEU C 29 23.35 35.82 -17.45
CA LEU C 29 24.77 35.79 -17.16
C LEU C 29 25.63 34.93 -18.10
N GLU C 30 25.02 34.32 -19.13
CA GLU C 30 25.82 33.77 -20.26
C GLU C 30 26.44 34.98 -20.95
N PRO C 31 27.69 34.86 -21.38
CA PRO C 31 28.44 33.62 -21.62
C PRO C 31 29.28 33.07 -20.46
N ASP C 32 29.22 33.69 -19.29
CA ASP C 32 29.98 33.24 -18.13
C ASP C 32 29.31 32.07 -17.35
N VAL C 33 28.10 31.70 -17.73
CA VAL C 33 27.43 30.54 -17.17
C VAL C 33 27.42 29.48 -18.24
N SER C 34 28.03 28.33 -17.97
CA SER C 34 28.00 27.26 -18.98
C SER C 34 26.88 26.24 -18.83
N LYS C 35 26.16 26.27 -17.70
CA LYS C 35 25.06 25.33 -17.47
C LYS C 35 24.26 25.73 -16.27
N ILE C 36 22.93 25.72 -16.45
CA ILE C 36 21.92 25.96 -15.42
C ILE C 36 20.98 24.73 -15.25
N ASP C 37 21.00 24.06 -14.09
CA ASP C 37 20.02 22.99 -13.88
C ASP C 37 19.15 23.38 -12.76
N ILE C 38 17.92 23.72 -13.09
CA ILE C 38 16.97 24.04 -12.06
C ILE C 38 16.04 22.86 -11.94
N SER C 39 15.83 22.39 -10.73
CA SER C 39 14.79 21.43 -10.50
C SER C 39 13.77 22.04 -9.58
N LEU C 40 12.64 22.48 -10.15
CA LEU C 40 11.54 22.99 -9.29
C LEU C 40 11.09 21.89 -8.30
N GLU C 41 11.05 20.64 -8.75
CA GLU C 41 10.60 19.56 -7.86
C GLU C 41 11.48 19.44 -6.62
N LYS C 42 12.80 19.45 -6.76
CA LYS C 42 13.74 19.29 -5.58
C LYS C 42 14.17 20.57 -4.91
N GLN C 43 13.61 21.70 -5.34
CA GLN C 43 13.99 23.02 -4.89
C GLN C 43 15.52 23.26 -4.95
N LEU C 44 16.11 22.79 -6.05
CA LEU C 44 17.55 22.95 -6.25
C LEU C 44 17.89 23.74 -7.49
N VAL C 45 18.99 24.49 -7.38
CA VAL C 45 19.48 25.30 -8.45
C VAL C 45 20.98 24.98 -8.56
N ASP C 46 21.38 24.41 -9.69
CA ASP C 46 22.77 24.13 -9.93
C ASP C 46 23.28 25.05 -11.01
N VAL C 47 24.40 25.73 -10.77
CA VAL C 47 25.02 26.65 -11.73
C VAL C 47 26.47 26.25 -11.91
N TYR C 48 26.90 26.18 -13.16
CA TYR C 48 28.30 26.01 -13.56
C TYR C 48 28.77 27.30 -14.19
N THR C 49 29.83 27.89 -13.66
CA THR C 49 30.14 29.26 -14.02
C THR C 49 31.56 29.57 -13.59
N THR C 50 32.15 30.57 -14.21
CA THR C 50 33.48 31.03 -13.85
C THR C 50 33.34 32.13 -12.78
N LEU C 51 32.15 32.68 -12.68
CA LEU C 51 31.84 33.79 -11.73
C LEU C 51 31.95 33.38 -10.28
N PRO C 52 32.25 34.32 -9.38
CA PRO C 52 32.27 33.94 -7.97
C PRO C 52 30.88 33.61 -7.37
N TYR C 53 30.89 32.75 -6.36
CA TYR C 53 29.69 32.33 -5.63
C TYR C 53 28.81 33.52 -5.21
N ASP C 54 29.42 34.52 -4.58
CA ASP C 54 28.66 35.57 -3.97
C ASP C 54 27.89 36.36 -4.99
N PHE C 55 28.53 36.62 -6.12
CA PHE C 55 27.90 37.35 -7.21
C PHE C 55 26.68 36.58 -7.74
N ILE C 56 26.83 35.27 -7.90
CA ILE C 56 25.70 34.41 -8.30
C ILE C 56 24.62 34.46 -7.23
N LEU C 57 25.00 34.27 -5.97
CA LEU C 57 24.08 34.31 -4.83
C LEU C 57 23.22 35.60 -4.80
N GLU C 58 23.88 36.73 -4.97
CA GLU C 58 23.21 38.01 -4.96
C GLU C 58 22.24 38.15 -6.14
N LYS C 59 22.60 37.65 -7.33
CA LYS C 59 21.68 37.66 -8.46
C LYS C 59 20.40 36.82 -8.17
N ILE C 60 20.58 35.64 -7.59
CA ILE C 60 19.43 34.86 -7.17
C ILE C 60 18.51 35.59 -6.16
N LYS C 61 19.10 36.25 -5.18
CA LYS C 61 18.33 36.94 -4.16
C LYS C 61 17.57 38.18 -4.69
N LYS C 62 18.01 38.76 -5.80
CA LYS C 62 17.23 39.85 -6.40
C LYS C 62 15.82 39.40 -6.86
N THR C 63 15.58 38.09 -6.94
CA THR C 63 14.24 37.60 -7.30
C THR C 63 13.31 37.71 -6.09
N GLY C 64 13.87 37.80 -4.90
CA GLY C 64 13.05 37.83 -3.70
C GLY C 64 12.78 36.45 -3.16
N LYS C 65 13.12 35.40 -3.89
CA LYS C 65 12.95 34.05 -3.37
C LYS C 65 13.99 33.73 -2.29
N GLU C 66 13.53 33.11 -1.20
CA GLU C 66 14.43 32.76 -0.12
C GLU C 66 15.45 31.67 -0.54
N VAL C 67 16.73 31.94 -0.28
CA VAL C 67 17.73 30.95 -0.48
C VAL C 67 18.04 30.27 0.83
N ARG C 68 17.61 29.01 0.99
CA ARG C 68 17.79 28.31 2.27
C ARG C 68 19.28 28.03 2.57
N SER C 69 20.04 27.72 1.50
CA SER C 69 21.45 27.43 1.63
C SER C 69 22.09 27.51 0.27
N GLY C 70 23.42 27.64 0.25
CA GLY C 70 24.15 27.45 -0.98
C GLY C 70 25.48 26.82 -0.68
N LYS C 71 26.08 26.20 -1.70
CA LYS C 71 27.41 25.64 -1.55
C LYS C 71 28.20 25.59 -2.85
N GLN C 72 29.51 25.54 -2.73
CA GLN C 72 30.30 25.21 -3.88
C GLN C 72 30.67 23.70 -3.82
N LEU C 73 30.36 22.99 -4.88
CA LEU C 73 30.70 21.57 -4.97
C LEU C 73 32.11 21.42 -5.56
N ALA D 2 19.69 46.35 -43.22
CA ALA D 2 19.84 45.85 -41.82
C ALA D 2 18.82 46.48 -40.85
N GLU D 3 17.59 46.75 -41.35
CA GLU D 3 16.64 47.48 -40.50
C GLU D 3 15.90 46.59 -39.48
N ILE D 4 15.56 47.22 -38.35
CA ILE D 4 14.81 46.60 -37.29
C ILE D 4 13.34 46.82 -37.55
N LYS D 5 12.61 45.72 -37.67
CA LYS D 5 11.19 45.76 -37.92
C LYS D 5 10.45 45.52 -36.60
N HIS D 6 9.27 46.11 -36.49
CA HIS D 6 8.41 45.89 -35.35
C HIS D 6 7.31 44.96 -35.82
N TYR D 7 7.15 43.82 -35.14
CA TYR D 7 5.96 43.00 -35.30
C TYR D 7 5.24 42.97 -33.95
N GLN D 8 3.98 42.60 -33.94
CA GLN D 8 3.21 42.47 -32.72
C GLN D 8 2.18 41.42 -33.05
N PHE D 9 2.03 40.46 -32.13
CA PHE D 9 1.15 39.34 -32.28
C PHE D 9 0.09 39.28 -31.17
N ASN D 10 -1.10 38.78 -31.52
CA ASN D 10 -2.10 38.40 -30.55
C ASN D 10 -1.92 36.93 -30.17
N VAL D 11 -1.33 36.71 -28.99
CA VAL D 11 -1.06 35.39 -28.50
C VAL D 11 -1.89 35.06 -27.22
N VAL D 12 -2.67 34.00 -27.33
CA VAL D 12 -3.38 33.43 -26.20
C VAL D 12 -2.45 32.89 -25.11
N MET D 13 -2.11 33.79 -24.20
CA MET D 13 -1.28 33.46 -23.04
C MET D 13 -2.15 33.57 -21.81
N THR D 14 -2.21 32.48 -21.04
CA THR D 14 -3.17 32.33 -19.98
C THR D 14 -2.51 32.43 -18.61
N CYS D 15 -1.30 31.89 -18.44
CA CYS D 15 -0.60 32.14 -17.18
C CYS D 15 0.82 32.63 -17.52
N SER D 16 1.68 32.76 -16.50
CA SER D 16 3.04 33.30 -16.72
C SER D 16 3.95 32.19 -17.27
N GLY D 17 3.50 30.94 -17.18
CA GLY D 17 4.19 29.89 -17.94
C GLY D 17 4.03 30.13 -19.44
N CYS D 18 2.79 30.32 -19.92
CA CYS D 18 2.52 30.63 -21.33
C CYS D 18 3.36 31.79 -21.88
N SER D 19 3.41 32.89 -21.16
CA SER D 19 4.15 34.03 -21.69
C SER D 19 5.63 33.85 -21.55
N GLY D 20 6.04 33.04 -20.56
CA GLY D 20 7.45 32.70 -20.33
C GLY D 20 7.93 31.84 -21.47
N ALA D 21 7.09 30.90 -21.89
CA ALA D 21 7.46 30.03 -23.02
C ALA D 21 7.73 30.88 -24.30
N VAL D 22 6.93 31.92 -24.52
CA VAL D 22 7.09 32.79 -25.66
C VAL D 22 8.32 33.65 -25.47
N ASN D 23 8.47 34.24 -24.29
CA ASN D 23 9.65 35.01 -23.93
C ASN D 23 10.98 34.25 -24.24
N LYS D 24 11.01 33.00 -23.80
CA LYS D 24 12.15 32.11 -23.94
C LYS D 24 12.55 31.84 -25.40
N VAL D 25 11.57 31.49 -26.25
CA VAL D 25 11.91 31.22 -27.68
C VAL D 25 12.44 32.46 -28.39
N LEU D 26 11.93 33.62 -28.00
CA LEU D 26 12.34 34.86 -28.61
C LEU D 26 13.69 35.36 -28.09
N THR D 27 14.01 35.00 -26.84
CA THR D 27 15.27 35.40 -26.20
C THR D 27 16.43 34.63 -26.81
N LYS D 28 16.13 33.46 -27.33
CA LYS D 28 17.09 32.68 -28.06
C LYS D 28 17.52 33.32 -29.38
N LEU D 29 16.81 34.36 -29.83
CA LEU D 29 17.10 34.95 -31.14
C LEU D 29 17.84 36.27 -31.04
N GLU D 30 18.23 36.67 -29.83
CA GLU D 30 19.08 37.86 -29.65
C GLU D 30 20.50 37.53 -30.19
N PRO D 31 21.24 38.53 -30.68
CA PRO D 31 20.86 39.96 -30.71
C PRO D 31 20.01 40.37 -31.93
N ASP D 32 19.65 39.41 -32.80
CA ASP D 32 18.85 39.72 -34.01
C ASP D 32 17.50 40.28 -33.60
N VAL D 33 16.88 39.63 -32.60
CA VAL D 33 15.93 40.30 -31.73
C VAL D 33 16.69 41.30 -30.80
N SER D 34 16.43 42.58 -30.96
CA SER D 34 17.05 43.55 -30.09
C SER D 34 16.12 44.04 -28.93
N LYS D 35 14.82 43.72 -29.00
CA LYS D 35 13.88 44.14 -27.97
C LYS D 35 12.64 43.23 -27.99
N ILE D 36 12.16 42.86 -26.82
CA ILE D 36 10.96 42.03 -26.69
C ILE D 36 10.03 42.65 -25.65
N ASP D 37 8.76 42.86 -26.00
CA ASP D 37 7.75 43.23 -25.02
C ASP D 37 6.61 42.29 -25.08
N ILE D 38 6.20 41.82 -23.92
CA ILE D 38 5.07 40.92 -23.80
C ILE D 38 4.15 41.45 -22.73
N SER D 39 2.84 41.28 -22.94
CA SER D 39 1.86 41.70 -21.96
C SER D 39 0.89 40.59 -21.82
N LEU D 40 1.03 39.81 -20.77
CA LEU D 40 0.14 38.71 -20.52
C LEU D 40 -1.29 39.26 -20.36
N GLU D 41 -1.39 40.47 -19.82
CA GLU D 41 -2.70 41.10 -19.55
C GLU D 41 -3.45 41.38 -20.84
N LYS D 42 -2.86 42.22 -21.70
CA LYS D 42 -3.40 42.51 -23.03
C LYS D 42 -3.28 41.35 -24.04
N GLN D 43 -2.44 40.34 -23.72
CA GLN D 43 -2.21 39.17 -24.56
C GLN D 43 -1.51 39.50 -25.90
N LEU D 44 -0.48 40.33 -25.81
CA LEU D 44 0.21 40.76 -26.95
C LEU D 44 1.69 40.54 -26.81
N VAL D 45 2.33 40.19 -27.93
CA VAL D 45 3.79 40.07 -28.02
C VAL D 45 4.32 41.12 -29.00
N ASP D 46 5.21 42.00 -28.56
CA ASP D 46 5.88 42.92 -29.47
C ASP D 46 7.36 42.45 -29.69
N VAL D 47 7.74 42.24 -30.95
CA VAL D 47 9.11 41.86 -31.27
C VAL D 47 9.83 42.89 -32.13
N TYR D 48 11.07 43.21 -31.77
CA TYR D 48 11.93 44.16 -32.52
C TYR D 48 13.15 43.38 -33.01
N THR D 49 13.26 43.28 -34.34
CA THR D 49 14.22 42.35 -34.95
C THR D 49 14.52 42.72 -36.40
N THR D 50 15.66 42.23 -36.91
CA THR D 50 15.98 42.32 -38.33
C THR D 50 15.38 41.09 -39.04
N LEU D 51 14.91 40.15 -38.25
CA LEU D 51 14.38 38.87 -38.75
C LEU D 51 12.99 39.00 -39.37
N PRO D 52 12.68 38.13 -40.37
CA PRO D 52 11.43 38.13 -41.14
C PRO D 52 10.20 37.95 -40.31
N TYR D 53 9.09 38.52 -40.73
CA TYR D 53 7.81 38.34 -40.06
C TYR D 53 7.44 36.86 -39.89
N ASP D 54 7.57 36.08 -40.96
CA ASP D 54 7.07 34.68 -40.90
C ASP D 54 7.90 33.78 -40.06
N PHE D 55 9.21 34.03 -40.09
CA PHE D 55 10.14 33.32 -39.22
C PHE D 55 9.74 33.45 -37.73
N ILE D 56 9.41 34.68 -37.31
CA ILE D 56 9.00 34.95 -35.91
C ILE D 56 7.70 34.21 -35.56
N LEU D 57 6.72 34.33 -36.46
CA LEU D 57 5.46 33.67 -36.32
C LEU D 57 5.61 32.22 -35.94
N GLU D 58 6.35 31.47 -36.74
CA GLU D 58 6.44 30.04 -36.51
C GLU D 58 7.31 29.69 -35.29
N LYS D 59 8.34 30.51 -35.02
CA LYS D 59 9.06 30.39 -33.73
C LYS D 59 8.08 30.50 -32.53
N ILE D 60 7.07 31.37 -32.67
CA ILE D 60 6.05 31.48 -31.65
C ILE D 60 5.18 30.25 -31.63
N LYS D 61 4.72 29.80 -32.79
CA LYS D 61 3.76 28.66 -32.84
C LYS D 61 4.36 27.37 -32.36
N LYS D 62 5.66 27.19 -32.63
CA LYS D 62 6.43 26.08 -32.05
C LYS D 62 6.32 25.93 -30.52
N THR D 63 5.85 26.95 -29.80
CA THR D 63 5.72 26.85 -28.31
C THR D 63 4.39 26.20 -27.96
N GLY D 64 3.47 26.28 -28.93
CA GLY D 64 2.20 25.60 -28.85
C GLY D 64 1.09 26.50 -28.42
N LYS D 65 1.38 27.77 -28.28
CA LYS D 65 0.38 28.77 -27.94
C LYS D 65 -0.33 29.24 -29.21
N GLU D 66 -1.64 29.48 -29.12
CA GLU D 66 -2.43 29.75 -30.29
C GLU D 66 -2.13 31.18 -30.65
N VAL D 67 -1.75 31.41 -31.90
CA VAL D 67 -1.52 32.79 -32.33
C VAL D 67 -2.75 33.15 -33.10
N ARG D 68 -3.33 34.31 -32.76
CA ARG D 68 -4.60 34.67 -33.36
C ARG D 68 -4.37 35.62 -34.48
N SER D 69 -3.90 36.83 -34.14
CA SER D 69 -3.60 37.83 -35.12
C SER D 69 -2.07 38.07 -35.13
N GLY D 70 -1.59 38.83 -36.12
CA GLY D 70 -0.22 39.29 -36.16
C GLY D 70 -0.01 40.28 -37.28
N LYS D 71 0.29 41.52 -36.93
CA LYS D 71 0.63 42.53 -37.91
C LYS D 71 2.12 42.78 -37.81
N GLN D 72 2.67 43.36 -38.87
CA GLN D 72 3.89 44.16 -38.83
C GLN D 72 3.34 45.55 -38.64
N LEU D 73 3.89 46.34 -37.72
CA LEU D 73 3.46 47.75 -37.55
C LEU D 73 4.14 48.62 -38.58
N ALA E 2 2.73 -8.48 -12.16
CA ALA E 2 3.94 -8.59 -11.29
C ALA E 2 5.07 -7.72 -11.80
N GLU E 3 5.55 -8.01 -13.01
CA GLU E 3 6.75 -7.32 -13.52
C GLU E 3 6.59 -5.77 -13.61
N ILE E 4 7.60 -5.06 -13.17
CA ILE E 4 7.54 -3.62 -13.06
C ILE E 4 8.32 -3.07 -14.22
N LYS E 5 7.70 -2.18 -14.96
CA LYS E 5 8.39 -1.61 -16.10
C LYS E 5 8.66 -0.12 -15.91
N HIS E 6 9.57 0.41 -16.73
CA HIS E 6 9.97 1.80 -16.70
C HIS E 6 9.65 2.42 -18.04
N TYR E 7 8.71 3.36 -18.04
CA TYR E 7 8.29 4.08 -19.22
C TYR E 7 8.72 5.53 -19.06
N GLN E 8 9.06 6.18 -20.17
CA GLN E 8 9.46 7.58 -20.16
C GLN E 8 8.70 8.26 -21.29
N PHE E 9 8.00 9.34 -20.96
CA PHE E 9 7.28 10.16 -21.93
C PHE E 9 7.85 11.59 -22.11
N ASN E 10 7.96 12.07 -23.35
CA ASN E 10 8.30 13.47 -23.56
C ASN E 10 6.95 14.18 -23.63
N VAL E 11 6.64 14.96 -22.60
CA VAL E 11 5.32 15.61 -22.49
C VAL E 11 5.52 17.13 -22.48
N VAL E 12 4.80 17.82 -23.33
CA VAL E 12 4.77 19.29 -23.31
C VAL E 12 4.07 19.82 -22.07
N MET E 13 4.87 20.25 -21.10
CA MET E 13 4.39 20.82 -19.84
C MET E 13 5.06 22.17 -19.72
N THR E 14 4.24 23.20 -19.55
CA THR E 14 4.68 24.56 -19.63
C THR E 14 4.77 25.24 -18.28
N CYS E 15 3.84 25.00 -17.37
CA CYS E 15 3.94 25.57 -16.03
C CYS E 15 3.82 24.45 -14.99
N SER E 16 3.91 24.78 -13.71
CA SER E 16 3.82 23.75 -12.66
C SER E 16 2.35 23.17 -12.54
N GLY E 17 1.37 23.90 -13.06
CA GLY E 17 0.04 23.35 -13.31
C GLY E 17 0.05 22.15 -14.24
N CYS E 18 0.73 22.29 -15.39
CA CYS E 18 0.89 21.21 -16.37
C CYS E 18 1.53 19.93 -15.82
N SER E 19 2.62 20.10 -15.06
CA SER E 19 3.25 18.92 -14.50
C SER E 19 2.47 18.37 -13.31
N GLY E 20 1.79 19.24 -12.55
CA GLY E 20 0.91 18.78 -11.42
C GLY E 20 -0.21 17.91 -12.02
N ALA E 21 -0.73 18.30 -13.19
CA ALA E 21 -1.83 17.57 -13.83
C ALA E 21 -1.50 16.14 -14.23
N VAL E 22 -0.31 15.93 -14.80
CA VAL E 22 0.24 14.63 -15.13
C VAL E 22 0.51 13.81 -13.86
N ASN E 23 1.08 14.48 -12.85
CA ASN E 23 1.28 13.87 -11.55
C ASN E 23 -0.02 13.37 -10.93
N LYS E 24 -1.07 14.21 -10.88
CA LYS E 24 -2.37 13.79 -10.33
C LYS E 24 -2.90 12.50 -11.02
N VAL E 25 -2.74 12.37 -12.34
CA VAL E 25 -3.24 11.13 -13.00
C VAL E 25 -2.40 9.90 -12.66
N LEU E 26 -1.12 10.10 -12.43
CA LEU E 26 -0.27 8.98 -12.18
C LEU E 26 -0.39 8.51 -10.73
N THR E 27 -0.56 9.44 -9.80
CA THR E 27 -0.71 9.10 -8.39
C THR E 27 -2.06 8.41 -8.15
N LYS E 28 -3.08 8.77 -8.90
CA LYS E 28 -4.31 7.96 -8.82
C LYS E 28 -4.16 6.43 -9.11
N LEU E 29 -3.05 6.00 -9.72
CA LEU E 29 -2.88 4.59 -10.09
C LEU E 29 -1.93 3.89 -9.16
N GLU E 30 -1.62 4.54 -8.05
CA GLU E 30 -0.79 3.90 -7.04
C GLU E 30 -1.69 2.87 -6.37
N PRO E 31 -1.13 1.75 -5.87
CA PRO E 31 0.28 1.39 -5.95
C PRO E 31 0.74 0.64 -7.22
N ASP E 32 -0.13 0.48 -8.23
CA ASP E 32 0.30 -0.11 -9.51
C ASP E 32 1.40 0.74 -10.18
N VAL E 33 1.27 2.07 -10.11
CA VAL E 33 2.41 2.95 -10.30
C VAL E 33 3.10 3.06 -8.95
N SER E 34 4.37 2.69 -8.91
CA SER E 34 5.11 2.65 -7.65
C SER E 34 6.13 3.77 -7.53
N LYS E 35 6.47 4.40 -8.66
CA LYS E 35 7.32 5.55 -8.60
C LYS E 35 7.02 6.45 -9.76
N ILE E 36 6.99 7.74 -9.49
CA ILE E 36 6.79 8.77 -10.52
C ILE E 36 7.92 9.77 -10.41
N ASP E 37 8.58 10.09 -11.53
CA ASP E 37 9.49 11.26 -11.53
C ASP E 37 9.22 12.17 -12.73
N ILE E 38 8.77 13.35 -12.44
CA ILE E 38 8.45 14.27 -13.50
C ILE E 38 9.48 15.44 -13.46
N SER E 39 10.10 15.74 -14.60
CA SER E 39 10.93 16.95 -14.70
C SER E 39 10.21 17.99 -15.53
N LEU E 40 9.73 19.04 -14.91
CA LEU E 40 9.05 20.10 -15.65
C LEU E 40 10.04 20.69 -16.66
N GLU E 41 11.25 20.92 -16.18
CA GLU E 41 12.34 21.51 -16.97
C GLU E 41 12.79 20.63 -18.15
N LYS E 42 12.88 19.31 -17.97
CA LYS E 42 13.30 18.45 -19.08
C LYS E 42 12.12 18.00 -19.95
N GLN E 43 10.89 18.21 -19.47
CA GLN E 43 9.67 17.84 -20.19
C GLN E 43 9.61 16.34 -20.23
N LEU E 44 9.99 15.69 -19.15
CA LEU E 44 10.05 14.27 -19.09
C LEU E 44 9.19 13.80 -17.95
N VAL E 45 8.61 12.64 -18.16
CA VAL E 45 7.80 11.96 -17.17
C VAL E 45 8.28 10.54 -17.13
N ASP E 46 8.91 10.14 -16.02
CA ASP E 46 9.25 8.71 -15.83
C ASP E 46 8.30 8.02 -14.89
N VAL E 47 7.84 6.85 -15.29
CA VAL E 47 6.87 6.10 -14.53
C VAL E 47 7.37 4.67 -14.30
N TYR E 48 7.20 4.15 -13.09
CA TYR E 48 7.51 2.73 -12.87
C TYR E 48 6.23 2.06 -12.42
N THR E 49 5.83 0.99 -13.12
CA THR E 49 4.48 0.48 -12.99
C THR E 49 4.43 -0.89 -13.57
N THR E 50 3.49 -1.69 -13.09
CA THR E 50 3.18 -2.98 -13.63
C THR E 50 2.14 -2.84 -14.75
N LEU E 51 1.51 -1.66 -14.85
CA LEU E 51 0.47 -1.41 -15.83
C LEU E 51 0.97 -1.32 -17.28
N PRO E 52 0.10 -1.63 -18.26
CA PRO E 52 0.60 -1.67 -19.68
C PRO E 52 0.95 -0.25 -20.18
N TYR E 53 2.02 -0.14 -20.96
CA TYR E 53 2.40 1.08 -21.70
C TYR E 53 1.17 1.84 -22.30
N ASP E 54 0.31 1.16 -23.05
CA ASP E 54 -0.88 1.80 -23.61
C ASP E 54 -1.81 2.46 -22.62
N PHE E 55 -1.99 1.81 -21.49
CA PHE E 55 -2.85 2.33 -20.43
C PHE E 55 -2.26 3.62 -19.85
N ILE E 56 -0.97 3.59 -19.54
CA ILE E 56 -0.30 4.79 -19.01
C ILE E 56 -0.35 5.92 -20.04
N LEU E 57 -0.04 5.62 -21.31
CA LEU E 57 -0.04 6.58 -22.40
C LEU E 57 -1.35 7.29 -22.46
N GLU E 58 -2.44 6.54 -22.38
CA GLU E 58 -3.76 7.14 -22.52
C GLU E 58 -4.14 7.97 -21.32
N LYS E 59 -3.71 7.53 -20.13
CA LYS E 59 -3.97 8.32 -18.92
C LYS E 59 -3.34 9.69 -19.02
N ILE E 60 -2.08 9.75 -19.41
CA ILE E 60 -1.41 11.04 -19.66
C ILE E 60 -2.08 11.85 -20.79
N LYS E 61 -2.28 11.26 -21.97
CA LYS E 61 -2.91 11.99 -23.09
C LYS E 61 -4.25 12.61 -22.73
N LYS E 62 -5.00 12.00 -21.82
CA LYS E 62 -6.30 12.54 -21.54
C LYS E 62 -6.25 13.74 -20.59
N THR E 63 -5.05 14.14 -20.17
CA THR E 63 -4.88 15.39 -19.39
C THR E 63 -5.02 16.52 -20.39
N GLY E 64 -4.81 16.18 -21.66
CA GLY E 64 -4.82 17.13 -22.77
C GLY E 64 -3.47 17.74 -23.04
N LYS E 65 -2.45 17.32 -22.28
CA LYS E 65 -1.05 17.74 -22.52
C LYS E 65 -0.54 16.94 -23.70
N GLU E 66 0.16 17.61 -24.61
CA GLU E 66 0.67 16.95 -25.79
C GLU E 66 1.81 15.98 -25.44
N VAL E 67 1.69 14.71 -25.84
CA VAL E 67 2.79 13.75 -25.65
C VAL E 67 3.62 13.63 -26.93
N ARG E 68 4.89 14.00 -26.89
CA ARG E 68 5.62 14.11 -28.15
C ARG E 68 5.99 12.71 -28.57
N SER E 69 6.36 11.92 -27.56
CA SER E 69 6.86 10.58 -27.75
C SER E 69 6.81 9.84 -26.42
N GLY E 70 6.91 8.51 -26.46
CA GLY E 70 7.09 7.68 -25.29
C GLY E 70 7.96 6.47 -25.58
N LYS E 71 8.60 5.90 -24.56
CA LYS E 71 9.33 4.65 -24.75
C LYS E 71 9.34 3.78 -23.50
N GLN E 72 9.73 2.53 -23.68
CA GLN E 72 10.06 1.62 -22.59
C GLN E 72 11.58 1.47 -22.46
N LEU E 73 12.10 1.56 -21.22
CA LEU E 73 13.51 1.37 -20.94
C LEU E 73 13.82 0.10 -20.18
N ALA F 2 -35.48 37.90 -17.22
CA ALA F 2 -35.59 37.99 -15.74
C ALA F 2 -35.56 36.61 -15.06
N GLU F 3 -35.70 35.51 -15.81
CA GLU F 3 -35.49 34.21 -15.17
C GLU F 3 -33.96 33.90 -15.09
N ILE F 4 -33.51 33.51 -13.91
CA ILE F 4 -32.08 33.25 -13.72
C ILE F 4 -31.86 31.77 -13.88
N LYS F 5 -31.01 31.44 -14.87
CA LYS F 5 -30.72 30.08 -15.21
C LYS F 5 -29.40 29.73 -14.61
N HIS F 6 -29.24 28.43 -14.35
CA HIS F 6 -28.05 27.92 -13.74
C HIS F 6 -27.34 26.97 -14.75
N TYR F 7 -26.14 27.33 -15.20
CA TYR F 7 -25.38 26.36 -16.04
C TYR F 7 -24.14 25.86 -15.31
N GLN F 8 -23.79 24.59 -15.57
CA GLN F 8 -22.53 24.06 -15.11
C GLN F 8 -21.69 23.52 -16.27
N PHE F 9 -20.44 23.95 -16.33
CA PHE F 9 -19.55 23.54 -17.41
C PHE F 9 -18.39 22.76 -16.82
N ASN F 10 -18.08 21.59 -17.43
CA ASN F 10 -16.86 20.86 -17.13
C ASN F 10 -15.73 21.40 -18.02
N VAL F 11 -14.83 22.15 -17.42
CA VAL F 11 -13.85 22.91 -18.18
C VAL F 11 -12.42 22.50 -17.77
N VAL F 12 -11.54 22.21 -18.75
CA VAL F 12 -10.15 21.80 -18.44
C VAL F 12 -9.33 23.00 -17.95
N MET F 13 -9.28 23.18 -16.63
CA MET F 13 -8.54 24.27 -16.02
C MET F 13 -7.47 23.57 -15.22
N THR F 14 -6.22 23.90 -15.51
CA THR F 14 -5.10 23.15 -15.00
C THR F 14 -4.27 23.94 -14.00
N CYS F 15 -4.24 25.25 -14.11
CA CYS F 15 -3.53 26.13 -13.14
C CYS F 15 -4.43 27.33 -12.88
N SER F 16 -3.98 28.18 -11.98
CA SER F 16 -4.67 29.35 -11.51
C SER F 16 -4.84 30.43 -12.59
N GLY F 17 -4.00 30.39 -13.63
CA GLY F 17 -4.21 31.22 -14.77
C GLY F 17 -5.44 30.73 -15.55
N CYS F 18 -5.61 29.41 -15.62
CA CYS F 18 -6.73 28.79 -16.38
C CYS F 18 -8.05 29.24 -15.83
N SER F 19 -8.22 29.06 -14.52
CA SER F 19 -9.44 29.52 -13.87
C SER F 19 -9.56 31.02 -13.83
N GLY F 20 -8.44 31.74 -13.72
CA GLY F 20 -8.40 33.22 -13.77
C GLY F 20 -8.96 33.68 -15.13
N ALA F 21 -8.59 33.04 -16.22
CA ALA F 21 -9.06 33.52 -17.52
C ALA F 21 -10.56 33.28 -17.66
N VAL F 22 -11.06 32.20 -17.04
CA VAL F 22 -12.44 31.85 -17.13
C VAL F 22 -13.25 32.86 -16.30
N ASN F 23 -12.78 33.08 -15.09
CA ASN F 23 -13.24 34.16 -14.28
C ASN F 23 -13.26 35.50 -14.98
N LYS F 24 -12.14 35.93 -15.56
CA LYS F 24 -12.14 37.19 -16.26
C LYS F 24 -13.25 37.36 -17.35
N VAL F 25 -13.53 36.36 -18.20
CA VAL F 25 -14.47 36.58 -19.31
C VAL F 25 -15.92 36.60 -18.83
N LEU F 26 -16.16 35.85 -17.77
CA LEU F 26 -17.48 35.79 -17.18
C LEU F 26 -17.78 37.06 -16.34
N THR F 27 -16.79 37.59 -15.64
CA THR F 27 -17.04 38.80 -14.82
C THR F 27 -17.32 40.02 -15.71
N LYS F 28 -16.83 39.97 -16.94
CA LYS F 28 -17.18 41.00 -17.91
C LYS F 28 -18.66 40.99 -18.29
N LEU F 29 -19.40 39.98 -17.85
CA LEU F 29 -20.82 39.84 -18.23
C LEU F 29 -21.79 40.27 -17.13
N GLU F 30 -21.29 40.76 -15.99
CA GLU F 30 -22.14 41.35 -14.92
C GLU F 30 -22.74 42.68 -15.42
N PRO F 31 -23.97 43.01 -14.98
CA PRO F 31 -24.85 42.29 -14.04
C PRO F 31 -25.70 41.13 -14.66
N ASP F 32 -25.59 40.86 -15.97
CA ASP F 32 -26.34 39.74 -16.60
C ASP F 32 -25.83 38.31 -16.17
N VAL F 33 -24.57 38.21 -15.83
CA VAL F 33 -24.13 37.11 -15.00
C VAL F 33 -24.19 37.60 -13.54
N SER F 34 -24.94 36.89 -12.71
CA SER F 34 -25.16 37.30 -11.30
C SER F 34 -24.27 36.56 -10.29
N LYS F 35 -23.72 35.39 -10.64
CA LYS F 35 -22.86 34.59 -9.75
C LYS F 35 -22.04 33.61 -10.56
N ILE F 36 -20.75 33.56 -10.24
CA ILE F 36 -19.80 32.67 -10.84
C ILE F 36 -19.16 31.83 -9.73
N ASP F 37 -19.27 30.50 -9.80
CA ASP F 37 -18.53 29.63 -8.87
C ASP F 37 -17.62 28.75 -9.70
N ILE F 38 -16.32 29.01 -9.59
CA ILE F 38 -15.35 28.26 -10.32
C ILE F 38 -14.57 27.41 -9.38
N SER F 39 -14.50 26.11 -9.63
CA SER F 39 -13.65 25.23 -8.85
C SER F 39 -12.54 24.66 -9.76
N LEU F 40 -11.32 25.19 -9.55
CA LEU F 40 -10.14 24.75 -10.28
C LEU F 40 -9.96 23.28 -9.96
N GLU F 41 -10.14 22.91 -8.70
CA GLU F 41 -9.84 21.52 -8.31
C GLU F 41 -10.79 20.49 -8.95
N LYS F 42 -12.08 20.82 -8.97
CA LYS F 42 -13.09 19.96 -9.57
C LYS F 42 -13.21 20.11 -11.11
N GLN F 43 -12.62 21.15 -11.65
CA GLN F 43 -12.76 21.51 -13.06
C GLN F 43 -14.21 21.86 -13.45
N LEU F 44 -14.83 22.65 -12.63
CA LEU F 44 -16.21 22.95 -12.80
C LEU F 44 -16.43 24.45 -12.81
N VAL F 45 -17.34 24.92 -13.68
CA VAL F 45 -17.67 26.34 -13.73
C VAL F 45 -19.18 26.45 -13.65
N ASP F 46 -19.66 26.96 -12.53
CA ASP F 46 -21.09 27.19 -12.36
C ASP F 46 -21.38 28.67 -12.65
N VAL F 47 -22.38 28.92 -13.49
CA VAL F 47 -22.75 30.25 -13.87
C VAL F 47 -24.25 30.41 -13.67
N TYR F 48 -24.63 31.50 -13.02
CA TYR F 48 -26.05 31.89 -12.86
C TYR F 48 -26.25 33.17 -13.65
N THR F 49 -27.21 33.16 -14.55
CA THR F 49 -27.28 34.23 -15.55
C THR F 49 -28.65 34.22 -16.19
N THR F 50 -28.94 35.31 -16.89
CA THR F 50 -30.13 35.43 -17.74
C THR F 50 -29.73 35.20 -19.20
N LEU F 51 -28.44 35.06 -19.45
CA LEU F 51 -27.91 34.86 -20.80
C LEU F 51 -28.12 33.41 -21.25
N PRO F 52 -28.27 33.18 -22.58
CA PRO F 52 -28.46 31.79 -23.03
C PRO F 52 -27.19 30.95 -22.85
N TYR F 53 -27.40 29.65 -22.81
CA TYR F 53 -26.34 28.68 -22.64
C TYR F 53 -25.20 28.78 -23.67
N ASP F 54 -25.54 28.73 -24.95
CA ASP F 54 -24.55 28.85 -26.00
C ASP F 54 -23.74 30.11 -25.94
N PHE F 55 -24.37 31.21 -25.49
CA PHE F 55 -23.70 32.45 -25.36
C PHE F 55 -22.63 32.33 -24.24
N ILE F 56 -23.03 31.85 -23.08
CA ILE F 56 -22.03 31.55 -22.04
C ILE F 56 -20.92 30.57 -22.51
N LEU F 57 -21.30 29.45 -23.11
CA LEU F 57 -20.39 28.47 -23.65
C LEU F 57 -19.32 29.09 -24.57
N GLU F 58 -19.79 29.89 -25.50
CA GLU F 58 -18.91 30.52 -26.47
C GLU F 58 -17.92 31.52 -25.85
N LYS F 59 -18.36 32.22 -24.78
CA LYS F 59 -17.45 33.07 -23.99
C LYS F 59 -16.34 32.32 -23.30
N ILE F 60 -16.64 31.14 -22.77
CA ILE F 60 -15.64 30.33 -22.06
C ILE F 60 -14.68 29.75 -23.10
N LYS F 61 -15.25 29.30 -24.25
CA LYS F 61 -14.41 28.80 -25.38
C LYS F 61 -13.40 29.82 -25.91
N LYS F 62 -13.73 31.11 -25.82
CA LYS F 62 -12.85 32.17 -26.29
C LYS F 62 -11.54 32.33 -25.47
N THR F 63 -11.50 31.80 -24.25
CA THR F 63 -10.28 31.73 -23.45
C THR F 63 -9.32 30.73 -24.07
N GLY F 64 -9.85 29.70 -24.69
CA GLY F 64 -9.04 28.65 -25.27
C GLY F 64 -8.96 27.44 -24.38
N LYS F 65 -9.62 27.47 -23.23
CA LYS F 65 -9.66 26.29 -22.39
C LYS F 65 -10.65 25.34 -23.01
N GLU F 66 -10.33 24.05 -22.95
CA GLU F 66 -11.24 23.05 -23.46
C GLU F 66 -12.49 22.90 -22.54
N VAL F 67 -13.69 23.00 -23.14
CA VAL F 67 -14.90 22.57 -22.47
C VAL F 67 -15.24 21.10 -22.81
N ARG F 68 -15.32 20.24 -21.79
CA ARG F 68 -15.61 18.80 -22.02
C ARG F 68 -17.06 18.49 -22.17
N SER F 69 -17.90 19.25 -21.46
CA SER F 69 -19.35 19.09 -21.43
C SER F 69 -19.87 20.19 -20.55
N GLY F 70 -21.17 20.40 -20.58
CA GLY F 70 -21.88 21.33 -19.75
C GLY F 70 -23.33 20.88 -19.68
N LYS F 71 -24.07 21.44 -18.73
CA LYS F 71 -25.51 21.13 -18.54
C LYS F 71 -26.19 22.35 -18.04
N GLN F 72 -27.50 22.30 -18.04
CA GLN F 72 -28.31 23.30 -17.37
C GLN F 72 -28.93 22.61 -16.15
N LEU F 73 -28.90 23.28 -15.02
CA LEU F 73 -29.43 22.73 -13.78
C LEU F 73 -30.73 23.45 -13.34
N ALA G 2 -5.92 -25.22 -26.87
CA ALA G 2 -5.42 -25.41 -25.48
C ALA G 2 -5.10 -26.90 -25.37
N GLU G 3 -4.13 -27.23 -24.53
CA GLU G 3 -3.69 -28.59 -24.38
C GLU G 3 -3.41 -28.82 -22.88
N ILE G 4 -3.95 -29.90 -22.33
CA ILE G 4 -3.64 -30.34 -20.97
C ILE G 4 -2.13 -30.74 -20.81
N LYS G 5 -1.43 -30.00 -19.94
CA LYS G 5 -0.06 -30.36 -19.51
C LYS G 5 -0.02 -30.91 -18.10
N HIS G 6 1.04 -31.67 -17.83
CA HIS G 6 1.25 -32.26 -16.55
C HIS G 6 2.50 -31.59 -15.96
N TYR G 7 2.30 -30.88 -14.84
CA TYR G 7 3.45 -30.34 -14.10
C TYR G 7 3.60 -31.03 -12.78
N GLN G 8 4.84 -31.20 -12.36
CA GLN G 8 5.12 -31.60 -11.02
C GLN G 8 6.12 -30.60 -10.36
N PHE G 9 5.89 -30.27 -9.09
CA PHE G 9 6.67 -29.30 -8.36
C PHE G 9 7.11 -29.97 -7.08
N ASN G 10 8.32 -29.68 -6.65
CA ASN G 10 8.81 -30.09 -5.33
C ASN G 10 8.59 -28.89 -4.41
N VAL G 11 7.60 -28.99 -3.52
CA VAL G 11 7.22 -27.81 -2.70
C VAL G 11 7.40 -28.10 -1.22
N VAL G 12 7.96 -27.14 -0.48
CA VAL G 12 8.27 -27.41 0.96
C VAL G 12 7.01 -27.16 1.75
N MET G 13 6.24 -28.20 1.99
CA MET G 13 4.99 -28.11 2.74
C MET G 13 5.32 -28.80 4.06
N THR G 14 5.36 -28.02 5.13
CA THR G 14 5.90 -28.46 6.40
C THR G 14 4.81 -29.16 7.20
N CYS G 15 3.54 -28.75 7.00
CA CYS G 15 2.39 -29.44 7.61
C CYS G 15 1.18 -29.49 6.67
N SER G 16 0.10 -30.10 7.13
CA SER G 16 -1.00 -30.32 6.29
C SER G 16 -1.79 -29.02 6.11
N GLY G 17 -1.60 -28.05 6.99
CA GLY G 17 -2.01 -26.70 6.70
C GLY G 17 -1.33 -26.16 5.48
N CYS G 18 0.02 -26.27 5.44
CA CYS G 18 0.82 -25.82 4.28
C CYS G 18 0.30 -26.50 3.01
N SER G 19 0.21 -27.82 3.00
CA SER G 19 -0.22 -28.54 1.79
C SER G 19 -1.67 -28.21 1.37
N GLY G 20 -2.50 -27.96 2.37
CA GLY G 20 -3.89 -27.59 2.16
C GLY G 20 -3.97 -26.17 1.59
N ALA G 21 -3.01 -25.31 1.91
CA ALA G 21 -2.91 -23.98 1.31
C ALA G 21 -2.61 -24.05 -0.18
N VAL G 22 -1.77 -24.99 -0.56
CA VAL G 22 -1.46 -25.17 -1.97
C VAL G 22 -2.69 -25.79 -2.67
N ASN G 23 -3.33 -26.77 -2.04
CA ASN G 23 -4.53 -27.34 -2.63
C ASN G 23 -5.60 -26.27 -2.86
N LYS G 24 -5.82 -25.41 -1.88
CA LYS G 24 -6.85 -24.38 -1.96
C LYS G 24 -6.63 -23.47 -3.18
N VAL G 25 -5.42 -23.02 -3.39
CA VAL G 25 -5.10 -22.19 -4.54
C VAL G 25 -5.41 -22.89 -5.86
N LEU G 26 -4.92 -24.13 -6.00
CA LEU G 26 -5.15 -24.92 -7.21
C LEU G 26 -6.61 -25.29 -7.50
N THR G 27 -7.38 -25.62 -6.46
CA THR G 27 -8.81 -25.90 -6.69
C THR G 27 -9.58 -24.63 -7.12
N LYS G 28 -9.12 -23.44 -6.75
CA LYS G 28 -9.76 -22.21 -7.24
C LYS G 28 -9.69 -22.14 -8.76
N LEU G 29 -8.67 -22.75 -9.33
CA LEU G 29 -8.41 -22.73 -10.74
C LEU G 29 -9.13 -23.80 -11.56
N GLU G 30 -9.97 -24.63 -10.91
CA GLU G 30 -10.90 -25.56 -11.61
C GLU G 30 -11.92 -24.73 -12.42
N PRO G 31 -12.28 -25.17 -13.65
CA PRO G 31 -11.97 -26.44 -14.28
C PRO G 31 -10.67 -26.44 -15.05
N ASP G 32 -9.96 -25.34 -15.05
CA ASP G 32 -8.80 -25.24 -15.95
C ASP G 32 -7.64 -26.04 -15.38
N VAL G 33 -7.64 -26.21 -14.06
CA VAL G 33 -6.89 -27.27 -13.42
C VAL G 33 -7.91 -28.40 -13.33
N SER G 34 -7.56 -29.50 -13.99
CA SER G 34 -8.43 -30.64 -14.15
C SER G 34 -8.05 -31.78 -13.23
N LYS G 35 -6.85 -31.73 -12.66
CA LYS G 35 -6.50 -32.79 -11.73
C LYS G 35 -5.40 -32.27 -10.84
N ILE G 36 -5.53 -32.60 -9.56
CA ILE G 36 -4.56 -32.20 -8.55
C ILE G 36 -4.13 -33.41 -7.79
N ASP G 37 -2.80 -33.60 -7.71
CA ASP G 37 -2.26 -34.67 -6.90
C ASP G 37 -1.15 -34.15 -5.98
N ILE G 38 -1.45 -34.02 -4.71
CA ILE G 38 -0.50 -33.51 -3.75
C ILE G 38 -0.04 -34.63 -2.81
N SER G 39 1.25 -34.70 -2.56
CA SER G 39 1.78 -35.58 -1.54
C SER G 39 2.61 -34.78 -0.53
N LEU G 40 1.99 -34.49 0.61
CA LEU G 40 2.76 -33.95 1.74
C LEU G 40 3.96 -34.86 2.10
N GLU G 41 3.81 -36.21 2.12
CA GLU G 41 4.97 -37.05 2.51
C GLU G 41 6.22 -36.92 1.59
N LYS G 42 5.97 -36.72 0.29
CA LYS G 42 7.02 -36.58 -0.69
C LYS G 42 7.29 -35.13 -1.11
N GLN G 43 6.50 -34.17 -0.60
CA GLN G 43 6.70 -32.74 -0.92
C GLN G 43 6.54 -32.49 -2.43
N LEU G 44 5.54 -33.15 -2.99
CA LEU G 44 5.27 -33.01 -4.39
C LEU G 44 3.85 -32.54 -4.62
N VAL G 45 3.73 -31.80 -5.70
CA VAL G 45 2.47 -31.28 -6.19
C VAL G 45 2.42 -31.59 -7.70
N ASP G 46 1.46 -32.42 -8.10
CA ASP G 46 1.25 -32.69 -9.50
C ASP G 46 -0.03 -31.97 -9.92
N VAL G 47 0.03 -31.34 -11.09
CA VAL G 47 -1.07 -30.55 -11.61
C VAL G 47 -1.29 -30.88 -13.10
N TYR G 48 -2.53 -31.14 -13.49
CA TYR G 48 -2.89 -31.24 -14.90
C TYR G 48 -3.75 -30.02 -15.18
N THR G 49 -3.43 -29.32 -16.28
CA THR G 49 -3.98 -28.03 -16.55
C THR G 49 -3.59 -27.48 -17.95
N THR G 50 -4.43 -26.61 -18.47
CA THR G 50 -4.19 -25.92 -19.72
C THR G 50 -3.43 -24.60 -19.50
N LEU G 51 -3.23 -24.23 -18.25
CA LEU G 51 -2.49 -23.00 -17.90
C LEU G 51 -0.97 -23.17 -18.06
N PRO G 52 -0.25 -22.07 -18.31
CA PRO G 52 1.16 -22.14 -18.53
C PRO G 52 1.87 -22.52 -17.25
N TYR G 53 3.07 -23.09 -17.42
CA TYR G 53 3.89 -23.59 -16.31
C TYR G 53 4.19 -22.42 -15.37
N ASP G 54 4.53 -21.29 -15.95
CA ASP G 54 5.05 -20.19 -15.16
C ASP G 54 3.93 -19.56 -14.32
N PHE G 55 2.72 -19.50 -14.88
CA PHE G 55 1.52 -19.05 -14.14
C PHE G 55 1.25 -20.00 -12.94
N ILE G 56 1.25 -21.34 -13.15
CA ILE G 56 1.07 -22.25 -12.01
C ILE G 56 2.13 -22.11 -10.91
N LEU G 57 3.41 -22.06 -11.31
CA LEU G 57 4.53 -21.78 -10.43
C LEU G 57 4.33 -20.53 -9.53
N GLU G 58 4.04 -19.40 -10.15
CA GLU G 58 3.64 -18.20 -9.37
C GLU G 58 2.41 -18.36 -8.46
N LYS G 59 1.37 -19.04 -8.91
CA LYS G 59 0.23 -19.26 -8.02
C LYS G 59 0.65 -19.99 -6.74
N ILE G 60 1.48 -21.00 -6.88
CA ILE G 60 1.97 -21.72 -5.73
C ILE G 60 2.93 -20.87 -4.92
N LYS G 61 3.83 -20.15 -5.57
CA LYS G 61 4.76 -19.30 -4.80
C LYS G 61 4.12 -18.22 -3.86
N LYS G 62 2.93 -17.70 -4.19
CA LYS G 62 2.24 -16.73 -3.30
C LYS G 62 1.58 -17.31 -2.07
N THR G 63 1.60 -18.63 -1.94
CA THR G 63 1.16 -19.25 -0.72
C THR G 63 2.24 -18.96 0.33
N GLY G 64 3.43 -18.56 -0.11
CA GLY G 64 4.57 -18.44 0.76
C GLY G 64 5.34 -19.75 0.94
N LYS G 65 4.85 -20.85 0.36
CA LYS G 65 5.60 -22.11 0.49
C LYS G 65 6.75 -22.10 -0.53
N GLU G 66 7.87 -22.75 -0.22
CA GLU G 66 9.05 -22.66 -1.11
C GLU G 66 8.94 -23.70 -2.20
N VAL G 67 9.14 -23.30 -3.45
CA VAL G 67 9.17 -24.24 -4.57
C VAL G 67 10.62 -24.49 -4.95
N ARG G 68 11.11 -25.67 -4.64
CA ARG G 68 12.51 -26.01 -4.87
C ARG G 68 12.78 -26.22 -6.34
N SER G 69 11.82 -26.78 -7.06
CA SER G 69 11.95 -27.06 -8.48
C SER G 69 10.63 -27.52 -9.07
N GLY G 70 10.60 -27.54 -10.41
CA GLY G 70 9.38 -27.85 -11.15
C GLY G 70 9.74 -28.41 -12.51
N LYS G 71 8.86 -29.25 -13.03
CA LYS G 71 9.04 -29.74 -14.39
C LYS G 71 7.72 -29.99 -15.12
N GLN G 72 7.79 -29.99 -16.44
CA GLN G 72 6.68 -30.43 -17.26
C GLN G 72 7.00 -31.87 -17.60
N LEU G 73 6.04 -32.76 -17.49
CA LEU G 73 6.23 -34.14 -17.99
C LEU G 73 5.68 -34.33 -19.39
N ILE H 4 -12.49 1.19 26.20
CA ILE H 4 -12.03 0.01 25.35
C ILE H 4 -12.13 0.32 23.85
N LYS H 5 -11.12 -0.13 23.09
CA LYS H 5 -11.09 0.01 21.63
C LYS H 5 -11.09 -1.35 20.93
N HIS H 6 -11.62 -1.36 19.70
CA HIS H 6 -11.72 -2.56 18.88
C HIS H 6 -10.81 -2.38 17.63
N TYR H 7 -9.93 -3.39 17.38
CA TYR H 7 -8.98 -3.46 16.25
C TYR H 7 -9.13 -4.81 15.50
N GLN H 8 -8.61 -4.87 14.25
CA GLN H 8 -8.76 -5.99 13.31
C GLN H 8 -7.59 -6.01 12.32
N PHE H 9 -7.06 -7.21 12.07
CA PHE H 9 -5.80 -7.39 11.37
C PHE H 9 -5.96 -8.54 10.41
N ASN H 10 -5.38 -8.40 9.21
CA ASN H 10 -5.30 -9.49 8.28
C ASN H 10 -3.90 -10.08 8.41
N VAL H 11 -3.86 -11.34 8.88
CA VAL H 11 -2.65 -12.03 9.37
C VAL H 11 -2.62 -13.38 8.75
N VAL H 12 -1.51 -13.72 8.09
CA VAL H 12 -1.43 -14.98 7.42
C VAL H 12 -1.15 -16.06 8.46
N MET H 13 -2.23 -16.78 8.75
CA MET H 13 -2.27 -17.91 9.64
C MET H 13 -2.74 -19.06 8.80
N THR H 14 -1.98 -20.16 8.81
CA THR H 14 -2.22 -21.21 7.84
C THR H 14 -2.70 -22.53 8.47
N CYS H 15 -2.22 -22.88 9.67
CA CYS H 15 -2.74 -24.02 10.43
C CYS H 15 -3.12 -23.51 11.83
N SER H 16 -3.63 -24.39 12.66
CA SER H 16 -4.08 -23.98 13.99
C SER H 16 -2.93 -23.77 14.93
N GLY H 17 -1.75 -24.20 14.51
CA GLY H 17 -0.54 -23.86 15.25
C GLY H 17 -0.30 -22.39 15.02
N CYS H 18 -0.47 -21.89 13.78
CA CYS H 18 -0.43 -20.43 13.51
C CYS H 18 -1.42 -19.60 14.32
N SER H 19 -2.70 -19.95 14.28
CA SER H 19 -3.70 -19.18 15.07
C SER H 19 -3.49 -19.34 16.55
N GLY H 20 -3.11 -20.54 16.97
CA GLY H 20 -2.75 -20.79 18.37
C GLY H 20 -1.63 -19.88 18.83
N ALA H 21 -0.63 -19.67 17.99
CA ALA H 21 0.51 -18.83 18.37
C ALA H 21 0.07 -17.40 18.66
N VAL H 22 -0.73 -16.87 17.74
CA VAL H 22 -1.38 -15.57 17.88
C VAL H 22 -2.32 -15.50 19.09
N ASN H 23 -3.12 -16.53 19.33
CA ASN H 23 -4.00 -16.55 20.52
C ASN H 23 -3.22 -16.38 21.81
N LYS H 24 -2.09 -17.08 21.84
CA LYS H 24 -1.30 -17.25 23.02
C LYS H 24 -0.75 -15.91 23.44
N VAL H 25 -0.19 -15.15 22.49
CA VAL H 25 0.48 -13.91 22.83
C VAL H 25 -0.53 -12.89 23.36
N LEU H 26 -1.74 -12.90 22.82
CA LEU H 26 -2.78 -11.96 23.24
C LEU H 26 -3.46 -12.34 24.55
N THR H 27 -3.57 -13.64 24.85
CA THR H 27 -4.08 -14.07 26.17
C THR H 27 -3.13 -13.67 27.29
N LYS H 28 -1.83 -13.59 26.98
CA LYS H 28 -0.85 -13.09 27.96
C LYS H 28 -1.13 -11.62 28.40
N LEU H 29 -1.97 -10.92 27.63
CA LEU H 29 -2.18 -9.48 27.70
C LEU H 29 -3.46 -9.06 28.40
N GLU H 30 -4.28 -10.03 28.80
CA GLU H 30 -5.42 -9.80 29.72
C GLU H 30 -4.86 -9.33 31.08
N PRO H 31 -5.65 -8.58 31.88
CA PRO H 31 -7.01 -8.00 31.70
C PRO H 31 -7.14 -6.81 30.70
N ASP H 32 -6.02 -6.33 30.16
CA ASP H 32 -6.02 -5.15 29.28
C ASP H 32 -6.82 -5.41 28.01
N VAL H 33 -6.46 -6.51 27.35
CA VAL H 33 -7.31 -7.15 26.37
C VAL H 33 -8.42 -7.86 27.13
N SER H 34 -9.67 -7.46 26.87
CA SER H 34 -10.84 -8.09 27.51
C SER H 34 -11.48 -9.20 26.65
N LYS H 35 -11.17 -9.22 25.34
CA LYS H 35 -11.77 -10.16 24.39
C LYS H 35 -10.86 -10.41 23.18
N ILE H 36 -10.54 -11.68 22.93
CA ILE H 36 -9.82 -12.14 21.71
C ILE H 36 -10.75 -12.94 20.82
N ASP H 37 -10.59 -12.80 19.52
CA ASP H 37 -11.56 -13.34 18.59
C ASP H 37 -10.87 -13.56 17.25
N ILE H 38 -10.19 -14.71 17.11
CA ILE H 38 -9.38 -15.06 15.94
C ILE H 38 -10.19 -15.94 14.97
N SER H 39 -10.05 -15.71 13.68
CA SER H 39 -10.66 -16.60 12.71
C SER H 39 -9.53 -17.03 11.86
N LEU H 40 -9.11 -18.28 12.02
CA LEU H 40 -8.11 -18.93 11.17
C LEU H 40 -8.60 -18.88 9.75
N GLU H 41 -9.85 -19.27 9.60
CA GLU H 41 -10.49 -19.46 8.31
C GLU H 41 -10.56 -18.14 7.53
N LYS H 42 -10.86 -17.03 8.21
CA LYS H 42 -10.96 -15.73 7.54
C LYS H 42 -9.63 -15.01 7.54
N GLN H 43 -8.70 -15.52 8.35
CA GLN H 43 -7.35 -14.97 8.55
C GLN H 43 -7.45 -13.61 9.10
N LEU H 44 -8.34 -13.45 10.08
CA LEU H 44 -8.60 -12.23 10.79
C LEU H 44 -8.41 -12.41 12.29
N VAL H 45 -8.00 -11.35 12.97
CA VAL H 45 -7.70 -11.33 14.39
C VAL H 45 -8.31 -10.04 14.88
N ASP H 46 -9.36 -10.15 15.71
CA ASP H 46 -10.00 -8.98 16.35
C ASP H 46 -9.56 -8.91 17.83
N VAL H 47 -8.93 -7.80 18.24
CA VAL H 47 -8.51 -7.59 19.64
C VAL H 47 -9.23 -6.42 20.38
N TYR H 48 -9.86 -6.73 21.52
CA TYR H 48 -10.55 -5.73 22.33
C TYR H 48 -9.69 -5.37 23.55
N THR H 49 -9.28 -4.10 23.63
CA THR H 49 -8.23 -3.71 24.55
C THR H 49 -8.24 -2.21 24.90
N THR H 50 -7.60 -1.86 26.02
CA THR H 50 -7.31 -0.46 26.34
C THR H 50 -5.84 -0.14 26.02
N LEU H 51 -5.19 -1.02 25.28
CA LEU H 51 -3.81 -0.82 24.85
C LEU H 51 -3.76 -0.23 23.43
N PRO H 52 -2.72 0.60 23.17
CA PRO H 52 -2.57 1.33 21.89
C PRO H 52 -2.32 0.45 20.67
N TYR H 53 -2.94 0.80 19.54
CA TYR H 53 -2.87 0.02 18.26
C TYR H 53 -1.48 -0.51 17.88
N ASP H 54 -0.47 0.32 18.11
CA ASP H 54 0.94 0.03 17.77
C ASP H 54 1.50 -1.13 18.61
N PHE H 55 1.34 -1.01 19.94
CA PHE H 55 1.68 -2.06 20.92
C PHE H 55 1.13 -3.43 20.46
N ILE H 56 -0.20 -3.52 20.36
CA ILE H 56 -0.87 -4.76 19.84
C ILE H 56 -0.45 -5.17 18.41
N LEU H 57 0.01 -4.23 17.57
CA LEU H 57 0.58 -4.62 16.25
C LEU H 57 1.95 -5.32 16.41
N GLU H 58 2.88 -4.72 17.15
CA GLU H 58 4.22 -5.33 17.35
C GLU H 58 4.15 -6.72 18.00
N LYS H 59 3.25 -6.86 18.98
CA LYS H 59 2.97 -8.13 19.65
C LYS H 59 2.61 -9.29 18.69
N ILE H 60 1.64 -9.05 17.81
CA ILE H 60 1.22 -10.01 16.78
C ILE H 60 2.31 -10.15 15.73
N LYS H 61 3.09 -9.08 15.50
CA LYS H 61 4.18 -9.15 14.50
C LYS H 61 5.28 -10.11 14.96
N LYS H 62 5.51 -10.12 16.27
CA LYS H 62 6.59 -10.89 16.89
C LYS H 62 6.39 -12.41 16.86
N THR H 63 5.24 -12.89 16.36
CA THR H 63 5.07 -14.33 16.17
C THR H 63 5.64 -14.80 14.83
N GLY H 64 6.09 -13.86 14.01
CA GLY H 64 6.66 -14.19 12.71
C GLY H 64 5.62 -14.54 11.65
N LYS H 65 4.35 -14.24 11.92
CA LYS H 65 3.34 -14.32 10.85
C LYS H 65 3.20 -12.95 10.17
N GLU H 66 3.13 -12.97 8.84
CA GLU H 66 2.87 -11.81 8.02
C GLU H 66 1.57 -11.09 8.42
N VAL H 67 1.69 -9.88 8.94
CA VAL H 67 0.53 -9.03 9.04
C VAL H 67 0.40 -8.23 7.74
N ARG H 68 -0.59 -8.63 6.95
CA ARG H 68 -1.09 -7.94 5.73
C ARG H 68 -1.58 -6.50 5.94
N SER H 69 -2.45 -6.30 6.95
CA SER H 69 -3.06 -5.01 7.21
C SER H 69 -3.61 -4.98 8.63
N GLY H 70 -4.16 -3.84 9.01
CA GLY H 70 -4.66 -3.57 10.35
C GLY H 70 -5.49 -2.28 10.33
N LYS H 71 -6.25 -2.06 11.40
CA LYS H 71 -7.39 -1.16 11.36
C LYS H 71 -7.99 -1.00 12.76
N GLN H 72 -8.61 0.14 13.03
CA GLN H 72 -9.48 0.27 14.18
C GLN H 72 -10.92 0.33 13.63
N LEU H 73 -11.91 -0.06 14.44
CA LEU H 73 -13.29 0.07 14.01
C LEU H 73 -14.20 0.78 15.00
N GLU I 3 35.19 -36.44 18.98
CA GLU I 3 34.68 -35.82 20.25
C GLU I 3 33.30 -35.28 20.02
N ILE I 4 32.38 -35.61 20.92
CA ILE I 4 30.97 -35.24 20.75
C ILE I 4 30.63 -33.91 21.44
N LYS I 5 30.05 -32.99 20.67
CA LYS I 5 29.67 -31.69 21.21
C LYS I 5 28.18 -31.62 21.44
N HIS I 6 27.78 -30.73 22.34
CA HIS I 6 26.38 -30.50 22.62
C HIS I 6 25.99 -29.09 22.17
N TYR I 7 25.23 -29.00 21.10
CA TYR I 7 24.66 -27.71 20.68
C TYR I 7 23.17 -27.60 21.02
N GLN I 8 22.77 -26.37 21.28
CA GLN I 8 21.39 -26.01 21.58
C GLN I 8 20.98 -24.75 20.81
N PHE I 9 19.84 -24.85 20.15
CA PHE I 9 19.31 -23.77 19.34
C PHE I 9 17.92 -23.39 19.81
N ASN I 10 17.64 -22.09 19.82
CA ASN I 10 16.29 -21.66 20.11
C ASN I 10 15.69 -21.44 18.73
N VAL I 11 14.68 -22.24 18.42
CA VAL I 11 14.12 -22.33 17.07
C VAL I 11 12.65 -22.07 17.14
N VAL I 12 12.18 -21.11 16.33
CA VAL I 12 10.75 -20.82 16.17
C VAL I 12 10.02 -21.98 15.50
N MET I 13 9.41 -22.82 16.31
CA MET I 13 8.66 -23.97 15.83
C MET I 13 7.25 -23.76 16.34
N THR I 14 6.28 -23.71 15.41
CA THR I 14 4.93 -23.29 15.73
C THR I 14 3.96 -24.44 15.78
N CYS I 15 4.17 -25.49 15.01
CA CYS I 15 3.33 -26.69 15.09
C CYS I 15 4.24 -27.91 15.02
N SER I 16 3.68 -29.10 15.11
CA SER I 16 4.45 -30.35 15.07
C SER I 16 5.01 -30.59 13.67
N GLY I 17 4.42 -29.98 12.66
CA GLY I 17 5.09 -29.90 11.34
C GLY I 17 6.46 -29.22 11.40
N CYS I 18 6.51 -28.05 12.03
CA CYS I 18 7.76 -27.30 12.23
C CYS I 18 8.80 -28.13 13.00
N SER I 19 8.41 -28.70 14.11
CA SER I 19 9.39 -29.53 14.83
C SER I 19 9.75 -30.79 14.06
N GLY I 20 8.78 -31.39 13.38
CA GLY I 20 9.05 -32.52 12.48
C GLY I 20 10.05 -32.23 11.37
N ALA I 21 9.91 -31.10 10.72
CA ALA I 21 10.90 -30.64 9.72
C ALA I 21 12.32 -30.49 10.29
N VAL I 22 12.44 -29.86 11.46
CA VAL I 22 13.74 -29.80 12.12
C VAL I 22 14.21 -31.18 12.46
N ASN I 23 13.35 -32.03 12.99
CA ASN I 23 13.76 -33.38 13.32
C ASN I 23 14.30 -34.16 12.11
N LYS I 24 13.66 -33.99 10.96
CA LYS I 24 13.95 -34.74 9.76
C LYS I 24 15.33 -34.43 9.21
N VAL I 25 15.71 -33.15 9.13
CA VAL I 25 17.03 -32.82 8.60
C VAL I 25 18.13 -33.27 9.57
N LEU I 26 17.82 -33.31 10.86
CA LEU I 26 18.85 -33.76 11.81
C LEU I 26 19.00 -35.29 11.81
N THR I 27 17.94 -36.05 11.48
CA THR I 27 18.11 -37.50 11.30
C THR I 27 18.87 -37.88 10.01
N LYS I 28 18.72 -37.09 8.93
CA LYS I 28 19.48 -37.30 7.68
C LYS I 28 20.98 -37.29 7.92
N LEU I 29 21.38 -36.76 9.07
CA LEU I 29 22.78 -36.63 9.40
C LEU I 29 23.24 -37.67 10.43
N GLU I 30 22.44 -38.72 10.63
CA GLU I 30 22.89 -39.85 11.42
C GLU I 30 23.99 -40.56 10.66
N PRO I 31 25.00 -41.12 11.37
CA PRO I 31 25.26 -41.18 12.82
C PRO I 31 26.17 -40.09 13.37
N ASP I 32 26.53 -39.12 12.54
CA ASP I 32 27.54 -38.14 12.94
C ASP I 32 26.88 -37.22 13.97
N VAL I 33 25.56 -37.03 13.78
CA VAL I 33 24.64 -36.67 14.86
C VAL I 33 24.18 -37.94 15.62
N SER I 34 24.50 -38.03 16.90
CA SER I 34 24.17 -39.22 17.69
C SER I 34 23.06 -39.05 18.78
N LYS I 35 22.44 -37.87 18.87
CA LYS I 35 21.25 -37.67 19.69
C LYS I 35 20.53 -36.38 19.31
N ILE I 36 19.24 -36.47 19.15
CA ILE I 36 18.40 -35.33 18.79
C ILE I 36 17.37 -35.17 19.90
N ASP I 37 17.29 -33.95 20.44
CA ASP I 37 16.33 -33.65 21.47
C ASP I 37 15.58 -32.38 21.14
N ILE I 38 14.36 -32.57 20.63
CA ILE I 38 13.55 -31.49 20.16
C ILE I 38 12.38 -31.25 21.09
N SER I 39 12.24 -30.01 21.53
CA SER I 39 11.14 -29.69 22.38
C SER I 39 10.32 -28.59 21.72
N LEU I 40 9.16 -28.97 21.21
CA LEU I 40 8.28 -28.01 20.64
C LEU I 40 7.85 -26.99 21.68
N GLU I 41 7.41 -27.49 22.82
CA GLU I 41 6.98 -26.67 23.96
C GLU I 41 7.94 -25.57 24.37
N LYS I 42 9.22 -25.91 24.52
CA LYS I 42 10.22 -24.91 24.91
C LYS I 42 10.83 -24.15 23.73
N GLN I 43 10.54 -24.62 22.52
CA GLN I 43 11.10 -24.07 21.29
C GLN I 43 12.62 -24.19 21.24
N LEU I 44 13.07 -25.37 21.68
CA LEU I 44 14.49 -25.70 21.78
C LEU I 44 14.85 -26.97 21.03
N VAL I 45 16.04 -26.96 20.48
CA VAL I 45 16.64 -28.06 19.72
C VAL I 45 18.07 -28.32 20.22
N ASP I 46 18.27 -29.44 20.92
CA ASP I 46 19.58 -29.95 21.36
C ASP I 46 20.05 -31.02 20.42
N VAL I 47 21.31 -30.89 20.01
CA VAL I 47 21.94 -31.76 19.02
C VAL I 47 23.29 -32.15 19.64
N TYR I 48 23.55 -33.45 19.70
CA TYR I 48 24.81 -33.98 20.14
C TYR I 48 25.45 -34.53 18.86
N THR I 49 26.65 -34.08 18.57
CA THR I 49 27.23 -34.37 17.28
C THR I 49 28.75 -34.19 17.32
N THR I 50 29.40 -34.52 16.22
CA THR I 50 30.83 -34.26 16.04
C THR I 50 30.97 -33.32 14.84
N LEU I 51 29.84 -33.03 14.20
CA LEU I 51 29.80 -32.06 13.13
C LEU I 51 30.07 -30.68 13.66
N PRO I 52 30.56 -29.78 12.78
CA PRO I 52 30.85 -28.42 13.17
C PRO I 52 29.56 -27.69 13.37
N TYR I 53 29.64 -26.64 14.19
CA TYR I 53 28.51 -25.85 14.60
C TYR I 53 27.79 -25.21 13.38
N ASP I 54 28.50 -24.43 12.58
CA ASP I 54 27.88 -23.66 11.50
C ASP I 54 27.18 -24.54 10.52
N PHE I 55 27.70 -25.75 10.39
CA PHE I 55 27.06 -26.66 9.47
C PHE I 55 25.65 -27.06 9.98
N ILE I 56 25.57 -27.48 11.26
CA ILE I 56 24.29 -27.79 11.92
C ILE I 56 23.33 -26.59 11.88
N LEU I 57 23.84 -25.39 12.20
CA LEU I 57 23.06 -24.14 12.11
C LEU I 57 22.50 -23.90 10.71
N GLU I 58 23.33 -24.04 9.68
CA GLU I 58 22.86 -23.85 8.31
C GLU I 58 21.80 -24.86 7.90
N LYS I 59 22.01 -26.11 8.28
CA LYS I 59 21.05 -27.18 8.03
C LYS I 59 19.67 -26.95 8.68
N ILE I 60 19.67 -26.26 9.81
CA ILE I 60 18.41 -25.99 10.45
C ILE I 60 17.72 -24.79 9.77
N LYS I 61 18.46 -23.73 9.46
CA LYS I 61 17.88 -22.52 8.80
C LYS I 61 17.28 -22.85 7.45
N LYS I 62 17.85 -23.81 6.74
CA LYS I 62 17.28 -24.21 5.46
C LYS I 62 15.88 -24.85 5.54
N THR I 63 15.43 -25.22 6.74
CA THR I 63 14.05 -25.71 6.87
C THR I 63 13.04 -24.55 6.69
N GLY I 64 13.55 -23.33 6.72
CA GLY I 64 12.71 -22.14 6.67
C GLY I 64 12.37 -21.59 8.04
N LYS I 65 12.53 -22.41 9.07
CA LYS I 65 12.27 -21.98 10.45
C LYS I 65 13.33 -21.03 10.97
N GLU I 66 12.92 -20.06 11.79
CA GLU I 66 13.81 -19.03 12.30
C GLU I 66 14.66 -19.56 13.48
N VAL I 67 15.96 -19.24 13.45
CA VAL I 67 16.79 -19.55 14.58
C VAL I 67 17.12 -18.25 15.31
N ARG I 68 16.66 -18.12 16.55
CA ARG I 68 16.88 -16.89 17.30
C ARG I 68 18.31 -16.79 17.78
N SER I 69 18.78 -17.88 18.38
CA SER I 69 20.12 -17.99 18.93
C SER I 69 20.54 -19.46 18.92
N GLY I 70 21.84 -19.71 19.06
CA GLY I 70 22.34 -21.04 19.29
C GLY I 70 23.50 -20.94 20.26
N LYS I 71 23.78 -22.02 20.98
CA LYS I 71 25.00 -22.09 21.79
C LYS I 71 25.59 -23.50 21.82
N GLN I 72 26.80 -23.61 22.38
CA GLN I 72 27.53 -24.85 22.57
C GLN I 72 27.65 -25.07 24.05
N LEU I 73 27.14 -26.21 24.54
CA LEU I 73 27.20 -26.54 25.98
C LEU I 73 28.43 -27.38 26.41
N ALA J 2 -4.34 -31.26 51.22
CA ALA J 2 -3.09 -30.75 51.86
C ALA J 2 -1.86 -31.12 51.01
N GLU J 3 -1.69 -32.41 50.73
CA GLU J 3 -0.48 -32.92 50.03
C GLU J 3 -0.28 -32.38 48.59
N ILE J 4 0.96 -32.08 48.24
CA ILE J 4 1.30 -31.76 46.84
C ILE J 4 1.91 -32.98 46.11
N LYS J 5 1.37 -33.31 44.93
CA LYS J 5 1.76 -34.55 44.27
C LYS J 5 2.26 -34.38 42.83
N HIS J 6 3.12 -35.30 42.44
CA HIS J 6 3.63 -35.31 41.11
C HIS J 6 3.16 -36.60 40.41
N TYR J 7 2.15 -36.46 39.52
CA TYR J 7 1.72 -37.55 38.63
C TYR J 7 2.27 -37.41 37.22
N GLN J 8 2.27 -38.52 36.50
CA GLN J 8 2.72 -38.54 35.14
C GLN J 8 1.92 -39.55 34.36
N PHE J 9 1.32 -39.06 33.27
CA PHE J 9 0.48 -39.81 32.44
C PHE J 9 1.15 -40.08 31.09
N ASN J 10 0.72 -41.12 30.38
CA ASN J 10 1.19 -41.42 29.00
C ASN J 10 0.03 -41.09 28.10
N VAL J 11 0.10 -39.99 27.34
CA VAL J 11 -1.11 -39.56 26.63
C VAL J 11 -0.89 -39.63 25.15
N VAL J 12 -1.85 -40.21 24.43
CA VAL J 12 -1.74 -40.47 23.01
C VAL J 12 -2.01 -39.15 22.32
N MET J 13 -0.88 -38.44 22.15
CA MET J 13 -0.85 -37.08 21.61
C MET J 13 -0.08 -37.22 20.34
N THR J 14 -0.78 -36.87 19.26
CA THR J 14 -0.29 -37.06 17.92
C THR J 14 0.20 -35.79 17.23
N CYS J 15 -0.50 -34.66 17.36
CA CYS J 15 0.03 -33.43 16.81
C CYS J 15 -0.01 -32.36 17.91
N SER J 16 0.42 -31.16 17.56
CA SER J 16 0.38 -30.06 18.51
C SER J 16 -1.05 -29.62 18.90
N GLY J 17 -2.07 -29.94 18.08
CA GLY J 17 -3.43 -29.72 18.54
C GLY J 17 -3.72 -30.65 19.73
N CYS J 18 -3.32 -31.91 19.62
CA CYS J 18 -3.53 -32.90 20.66
C CYS J 18 -2.90 -32.43 22.00
N SER J 19 -1.69 -31.89 21.95
CA SER J 19 -0.97 -31.54 23.17
C SER J 19 -1.52 -30.20 23.67
N GLY J 20 -1.87 -29.29 22.75
CA GLY J 20 -2.49 -28.04 23.17
C GLY J 20 -3.83 -28.32 23.86
N ALA J 21 -4.56 -29.37 23.41
CA ALA J 21 -5.87 -29.64 24.04
C ALA J 21 -5.74 -30.14 25.47
N VAL J 22 -4.81 -31.03 25.72
CA VAL J 22 -4.42 -31.48 27.06
C VAL J 22 -3.90 -30.29 27.94
N ASN J 23 -3.09 -29.43 27.36
CA ASN J 23 -2.61 -28.32 28.11
C ASN J 23 -3.80 -27.50 28.65
N LYS J 24 -4.74 -27.24 27.75
CA LYS J 24 -5.85 -26.31 28.02
C LYS J 24 -6.72 -26.76 29.20
N VAL J 25 -6.97 -28.06 29.29
CA VAL J 25 -7.78 -28.55 30.39
C VAL J 25 -7.05 -28.59 31.73
N LEU J 26 -5.73 -28.88 31.67
CA LEU J 26 -4.93 -28.88 32.86
C LEU J 26 -4.72 -27.46 33.38
N THR J 27 -4.58 -26.49 32.49
CA THR J 27 -4.45 -25.08 32.83
C THR J 27 -5.66 -24.49 33.58
N LYS J 28 -6.87 -24.89 33.18
CA LYS J 28 -8.11 -24.54 33.86
C LYS J 28 -8.16 -24.97 35.34
N LEU J 29 -7.41 -26.03 35.69
CA LEU J 29 -7.28 -26.47 37.10
C LEU J 29 -6.35 -25.62 37.98
N GLU J 30 -5.53 -24.76 37.39
CA GLU J 30 -4.68 -23.82 38.14
C GLU J 30 -5.59 -22.94 38.99
N PRO J 31 -5.23 -22.68 40.28
CA PRO J 31 -3.93 -22.99 40.88
C PRO J 31 -3.76 -24.34 41.55
N ASP J 32 -4.81 -25.16 41.63
CA ASP J 32 -4.66 -26.48 42.30
C ASP J 32 -3.79 -27.47 41.49
N VAL J 33 -3.70 -27.28 40.18
CA VAL J 33 -2.52 -27.77 39.46
C VAL J 33 -1.51 -26.61 39.45
N SER J 34 -0.32 -26.85 40.00
CA SER J 34 0.73 -25.82 40.08
C SER J 34 1.71 -25.83 38.89
N LYS J 35 1.88 -26.97 38.25
CA LYS J 35 2.85 -27.11 37.18
C LYS J 35 2.40 -28.20 36.22
N ILE J 36 2.52 -27.89 34.95
CA ILE J 36 2.21 -28.78 33.88
C ILE J 36 3.45 -28.87 32.97
N ASP J 37 3.94 -30.08 32.68
CA ASP J 37 4.95 -30.27 31.64
C ASP J 37 4.47 -31.27 30.60
N ILE J 38 4.20 -30.78 29.40
CA ILE J 38 3.74 -31.64 28.34
C ILE J 38 4.88 -31.82 27.36
N SER J 39 5.08 -33.03 26.91
CA SER J 39 6.09 -33.26 25.90
C SER J 39 5.45 -33.98 24.74
N LEU J 40 5.20 -33.29 23.64
CA LEU J 40 4.61 -33.97 22.55
C LEU J 40 5.50 -35.12 22.10
N GLU J 41 6.80 -34.89 22.08
CA GLU J 41 7.73 -35.83 21.53
C GLU J 41 7.62 -37.17 22.28
N LYS J 42 7.68 -37.13 23.61
CA LYS J 42 7.66 -38.34 24.45
C LYS J 42 6.24 -38.80 24.74
N GLN J 43 5.26 -38.00 24.36
CA GLN J 43 3.90 -38.29 24.79
C GLN J 43 3.76 -38.41 26.31
N LEU J 44 4.49 -37.57 27.01
CA LEU J 44 4.40 -37.52 28.45
C LEU J 44 3.69 -36.24 28.87
N VAL J 45 2.93 -36.36 29.94
CA VAL J 45 2.30 -35.26 30.60
C VAL J 45 2.59 -35.40 32.11
N ASP J 46 3.44 -34.51 32.63
CA ASP J 46 3.65 -34.40 34.06
C ASP J 46 2.75 -33.36 34.67
N VAL J 47 2.17 -33.74 35.80
CA VAL J 47 1.30 -32.83 36.55
C VAL J 47 1.72 -32.77 38.00
N TYR J 48 1.85 -31.55 38.50
CA TYR J 48 2.03 -31.29 39.92
C TYR J 48 0.75 -30.70 40.45
N THR J 49 0.14 -31.35 41.44
CA THR J 49 -1.19 -30.96 41.89
C THR J 49 -1.51 -31.42 43.30
N THR J 50 -2.52 -30.80 43.90
CA THR J 50 -3.07 -31.23 45.18
C THR J 50 -4.33 -32.08 44.93
N LEU J 51 -4.79 -32.13 43.67
CA LEU J 51 -6.02 -32.83 43.28
C LEU J 51 -5.69 -34.30 43.09
N PRO J 52 -6.72 -35.20 43.14
CA PRO J 52 -6.48 -36.67 43.14
C PRO J 52 -6.10 -37.23 41.80
N TYR J 53 -5.24 -38.24 41.80
CA TYR J 53 -4.88 -38.94 40.59
C TYR J 53 -6.09 -39.24 39.65
N ASP J 54 -7.19 -39.76 40.19
CA ASP J 54 -8.32 -40.16 39.31
C ASP J 54 -9.01 -38.93 38.75
N PHE J 55 -8.97 -37.83 39.49
CA PHE J 55 -9.65 -36.63 39.02
C PHE J 55 -8.90 -36.02 37.84
N ILE J 56 -7.58 -36.02 37.91
CA ILE J 56 -6.75 -35.46 36.83
C ILE J 56 -6.99 -36.32 35.60
N LEU J 57 -6.86 -37.63 35.78
CA LEU J 57 -7.33 -38.62 34.79
C LEU J 57 -8.66 -38.29 34.06
N GLU J 58 -9.73 -37.95 34.75
CA GLU J 58 -11.02 -37.75 34.04
C GLU J 58 -10.86 -36.56 33.14
N LYS J 59 -10.27 -35.49 33.70
CA LYS J 59 -10.17 -34.25 32.94
C LYS J 59 -9.39 -34.45 31.64
N ILE J 60 -8.39 -35.33 31.72
CA ILE J 60 -7.50 -35.53 30.61
C ILE J 60 -8.29 -36.23 29.52
N LYS J 61 -8.92 -37.34 29.91
CA LYS J 61 -9.67 -38.22 28.96
C LYS J 61 -10.80 -37.45 28.29
N LYS J 62 -11.42 -36.51 29.00
CA LYS J 62 -12.50 -35.74 28.38
C LYS J 62 -12.12 -34.81 27.17
N THR J 63 -10.84 -34.68 26.86
CA THR J 63 -10.37 -34.06 25.58
C THR J 63 -10.71 -34.96 24.34
N GLY J 64 -10.81 -36.26 24.61
CA GLY J 64 -11.01 -37.28 23.57
C GLY J 64 -9.66 -37.86 23.21
N LYS J 65 -8.65 -37.59 24.04
CA LYS J 65 -7.31 -38.17 23.83
C LYS J 65 -7.21 -39.37 24.71
N GLU J 66 -6.56 -40.41 24.23
CA GLU J 66 -6.45 -41.65 24.99
C GLU J 66 -5.31 -41.54 25.96
N VAL J 67 -5.50 -42.04 27.18
CA VAL J 67 -4.42 -42.26 28.18
C VAL J 67 -4.04 -43.74 28.30
N ARG J 68 -2.77 -44.07 28.13
CA ARG J 68 -2.37 -45.48 28.10
C ARG J 68 -2.06 -45.98 29.45
N SER J 69 -1.56 -45.09 30.27
CA SER J 69 -0.78 -45.46 31.44
C SER J 69 -0.69 -44.16 32.26
N GLY J 70 -0.31 -44.31 33.54
CA GLY J 70 -0.35 -43.24 34.53
C GLY J 70 0.14 -43.69 35.88
N LYS J 71 0.92 -42.84 36.53
CA LYS J 71 1.77 -43.19 37.68
C LYS J 71 1.85 -42.04 38.70
N GLN J 72 2.25 -42.34 39.94
CA GLN J 72 2.63 -41.29 40.90
C GLN J 72 4.15 -41.31 41.14
N LEU J 73 4.78 -40.12 41.19
CA LEU J 73 6.24 -39.95 41.17
C LEU J 73 6.67 -39.29 42.48
N ALA K 2 -36.70 -28.73 -1.19
CA ALA K 2 -37.17 -28.16 0.09
C ALA K 2 -36.63 -26.72 0.28
N GLU K 3 -37.07 -26.02 1.34
CA GLU K 3 -36.49 -24.73 1.74
C GLU K 3 -35.00 -24.92 2.17
N ILE K 4 -34.24 -23.82 2.19
CA ILE K 4 -32.83 -23.86 2.66
C ILE K 4 -32.80 -23.59 4.15
N LYS K 5 -32.37 -24.59 4.90
CA LYS K 5 -32.30 -24.53 6.36
C LYS K 5 -30.85 -24.38 6.80
N HIS K 6 -30.72 -24.01 8.05
CA HIS K 6 -29.47 -23.61 8.60
C HIS K 6 -29.30 -24.40 9.88
N TYR K 7 -28.20 -25.15 9.94
CA TYR K 7 -27.84 -25.95 11.12
C TYR K 7 -26.49 -25.50 11.72
N GLN K 8 -26.40 -25.50 13.04
CA GLN K 8 -25.15 -25.25 13.71
C GLN K 8 -24.78 -26.43 14.62
N PHE K 9 -23.53 -26.84 14.53
CA PHE K 9 -23.06 -28.01 15.31
C PHE K 9 -21.84 -27.65 16.12
N ASN K 10 -21.80 -28.04 17.38
CA ASN K 10 -20.56 -27.86 18.21
C ASN K 10 -19.83 -29.18 18.02
N VAL K 11 -18.68 -29.11 17.36
CA VAL K 11 -17.93 -30.29 16.93
C VAL K 11 -16.54 -30.18 17.49
N VAL K 12 -16.07 -31.22 18.17
CA VAL K 12 -14.70 -31.21 18.73
C VAL K 12 -13.70 -31.35 17.55
N MET K 13 -13.13 -30.23 17.16
CA MET K 13 -12.15 -30.14 16.12
C MET K 13 -10.89 -29.68 16.80
N THR K 14 -9.93 -30.58 16.92
CA THR K 14 -8.77 -30.32 17.77
C THR K 14 -7.63 -29.58 17.09
N CYS K 15 -7.45 -29.82 15.77
CA CYS K 15 -6.48 -29.06 14.99
C CYS K 15 -7.16 -28.67 13.71
N SER K 16 -6.41 -28.04 12.81
CA SER K 16 -6.99 -27.67 11.50
C SER K 16 -7.09 -28.81 10.49
N GLY K 17 -6.47 -29.94 10.81
CA GLY K 17 -6.73 -31.21 10.10
C GLY K 17 -8.16 -31.71 10.38
N CYS K 18 -8.55 -31.63 11.68
CA CYS K 18 -9.89 -31.97 12.11
C CYS K 18 -10.94 -31.16 11.42
N SER K 19 -10.76 -29.83 11.36
CA SER K 19 -11.74 -28.98 10.76
C SER K 19 -11.74 -29.15 9.26
N GLY K 20 -10.59 -29.45 8.67
CA GLY K 20 -10.54 -29.68 7.24
C GLY K 20 -11.24 -30.97 6.82
N ALA K 21 -11.21 -31.98 7.70
CA ALA K 21 -11.91 -33.24 7.37
C ALA K 21 -13.42 -33.04 7.41
N VAL K 22 -13.92 -32.28 8.38
CA VAL K 22 -15.34 -31.98 8.42
C VAL K 22 -15.69 -31.16 7.19
N ASN K 23 -14.80 -30.27 6.76
CA ASN K 23 -15.03 -29.50 5.54
C ASN K 23 -15.18 -30.38 4.27
N LYS K 24 -14.27 -31.33 4.09
CA LYS K 24 -14.34 -32.25 2.95
C LYS K 24 -15.67 -33.02 2.93
N VAL K 25 -16.13 -33.58 4.06
CA VAL K 25 -17.42 -34.32 4.00
C VAL K 25 -18.61 -33.46 3.60
N LEU K 26 -18.66 -32.20 4.05
CA LEU K 26 -19.76 -31.29 3.79
C LEU K 26 -19.65 -30.78 2.35
N THR K 27 -18.41 -30.49 1.90
CA THR K 27 -18.08 -30.17 0.51
C THR K 27 -18.61 -31.19 -0.48
N LYS K 28 -18.37 -32.47 -0.25
CA LYS K 28 -18.90 -33.46 -1.21
C LYS K 28 -20.44 -33.59 -1.22
N LEU K 29 -21.12 -32.84 -0.37
CA LEU K 29 -22.59 -32.75 -0.36
C LEU K 29 -23.15 -31.59 -1.20
N GLU K 30 -22.26 -30.75 -1.75
CA GLU K 30 -22.67 -29.73 -2.75
C GLU K 30 -23.34 -30.43 -3.92
N PRO K 31 -24.35 -29.79 -4.59
CA PRO K 31 -24.91 -28.45 -4.29
C PRO K 31 -26.05 -28.41 -3.25
N ASP K 32 -26.53 -29.56 -2.76
CA ASP K 32 -27.63 -29.58 -1.76
C ASP K 32 -27.30 -28.80 -0.46
N VAL K 33 -26.05 -28.91 -0.02
CA VAL K 33 -25.40 -27.96 0.85
C VAL K 33 -24.87 -26.74 0.04
N SER K 34 -25.31 -25.55 0.38
CA SER K 34 -24.90 -24.40 -0.43
C SER K 34 -23.91 -23.50 0.20
N LYS K 35 -23.64 -23.68 1.50
CA LYS K 35 -22.72 -22.85 2.23
C LYS K 35 -22.21 -23.54 3.48
N ILE K 36 -20.91 -23.48 3.68
CA ILE K 36 -20.29 -24.03 4.86
C ILE K 36 -19.41 -22.96 5.52
N ASP K 37 -19.60 -22.74 6.83
CA ASP K 37 -18.76 -21.86 7.65
C ASP K 37 -18.22 -22.66 8.79
N ILE K 38 -16.92 -22.89 8.79
CA ILE K 38 -16.33 -23.63 9.90
C ILE K 38 -15.51 -22.65 10.74
N SER K 39 -15.80 -22.58 12.03
CA SER K 39 -14.95 -21.83 12.98
C SER K 39 -14.20 -22.83 13.93
N LEU K 40 -12.91 -23.06 13.66
CA LEU K 40 -12.11 -23.94 14.48
C LEU K 40 -12.05 -23.46 15.92
N GLU K 41 -11.76 -22.17 16.09
CA GLU K 41 -11.66 -21.47 17.39
C GLU K 41 -12.97 -21.53 18.21
N LYS K 42 -14.12 -21.37 17.57
CA LYS K 42 -15.37 -21.56 18.26
C LYS K 42 -15.85 -23.03 18.34
N GLN K 43 -15.16 -23.93 17.65
CA GLN K 43 -15.66 -25.29 17.48
C GLN K 43 -17.09 -25.33 16.92
N LEU K 44 -17.39 -24.49 15.93
CA LEU K 44 -18.73 -24.48 15.35
C LEU K 44 -18.67 -24.83 13.90
N VAL K 45 -19.77 -25.38 13.42
CA VAL K 45 -19.84 -25.76 12.03
C VAL K 45 -21.22 -25.37 11.61
N ASP K 46 -21.33 -24.40 10.68
CA ASP K 46 -22.61 -23.97 10.13
C ASP K 46 -22.81 -24.52 8.72
N VAL K 47 -24.01 -25.05 8.47
CA VAL K 47 -24.33 -25.68 7.22
C VAL K 47 -25.67 -25.17 6.73
N TYR K 48 -25.70 -24.81 5.45
CA TYR K 48 -26.94 -24.30 4.81
C TYR K 48 -27.29 -25.28 3.73
N THR K 49 -28.50 -25.82 3.83
CA THR K 49 -28.81 -27.07 3.12
C THR K 49 -30.31 -27.30 3.09
N THR K 50 -30.72 -28.01 2.05
CA THR K 50 -32.08 -28.52 1.93
C THR K 50 -32.19 -29.87 2.63
N LEU K 51 -31.03 -30.54 2.84
CA LEU K 51 -31.03 -31.90 3.36
C LEU K 51 -31.45 -31.90 4.86
N PRO K 52 -32.05 -33.00 5.34
CA PRO K 52 -32.48 -33.09 6.74
C PRO K 52 -31.33 -33.04 7.76
N TYR K 53 -31.65 -32.44 8.91
CA TYR K 53 -30.74 -32.26 10.05
C TYR K 53 -30.01 -33.56 10.47
N ASP K 54 -30.77 -34.66 10.61
CA ASP K 54 -30.23 -35.95 11.08
C ASP K 54 -29.25 -36.48 10.08
N PHE K 55 -29.51 -36.16 8.81
CA PHE K 55 -28.67 -36.64 7.75
C PHE K 55 -27.33 -35.93 7.77
N ILE K 56 -27.30 -34.62 8.07
CA ILE K 56 -26.07 -33.86 8.13
C ILE K 56 -25.30 -34.27 9.37
N LEU K 57 -26.04 -34.38 10.47
CA LEU K 57 -25.55 -34.76 11.79
C LEU K 57 -24.80 -36.07 11.70
N GLU K 58 -25.42 -37.07 11.09
CA GLU K 58 -24.76 -38.37 10.90
C GLU K 58 -23.53 -38.29 9.98
N LYS K 59 -23.60 -37.51 8.89
CA LYS K 59 -22.39 -37.31 8.05
C LYS K 59 -21.20 -36.73 8.81
N ILE K 60 -21.45 -35.72 9.64
CA ILE K 60 -20.40 -35.18 10.49
C ILE K 60 -19.90 -36.23 11.52
N LYS K 61 -20.81 -36.94 12.18
CA LYS K 61 -20.38 -38.00 13.10
C LYS K 61 -19.41 -38.99 12.47
N LYS K 62 -19.64 -39.38 11.21
CA LYS K 62 -18.79 -40.41 10.58
C LYS K 62 -17.35 -40.00 10.28
N THR K 63 -17.03 -38.72 10.49
CA THR K 63 -15.65 -38.26 10.36
C THR K 63 -14.86 -38.76 11.54
N GLY K 64 -15.55 -39.21 12.61
CA GLY K 64 -14.87 -39.57 13.84
C GLY K 64 -14.78 -38.40 14.77
N LYS K 65 -15.19 -37.20 14.33
CA LYS K 65 -15.06 -36.06 15.23
C LYS K 65 -16.27 -36.02 16.17
N GLU K 66 -16.07 -35.76 17.46
CA GLU K 66 -17.17 -35.82 18.36
C GLU K 66 -18.06 -34.60 18.13
N VAL K 67 -19.36 -34.86 18.04
CA VAL K 67 -20.39 -33.83 17.98
C VAL K 67 -21.08 -33.61 19.34
N ARG K 68 -20.75 -32.53 20.03
CA ARG K 68 -21.31 -32.30 21.35
C ARG K 68 -22.82 -31.93 21.34
N SER K 69 -23.20 -31.12 20.36
CA SER K 69 -24.59 -30.64 20.23
C SER K 69 -24.83 -30.08 18.85
N GLY K 70 -26.09 -29.98 18.50
CA GLY K 70 -26.47 -29.27 17.33
C GLY K 70 -27.85 -28.64 17.49
N LYS K 71 -28.10 -27.65 16.63
CA LYS K 71 -29.41 -27.00 16.50
C LYS K 71 -29.63 -26.47 15.11
N GLN K 72 -30.91 -26.43 14.73
CA GLN K 72 -31.39 -25.66 13.63
C GLN K 72 -31.68 -24.20 14.09
N LEU K 73 -31.26 -23.21 13.29
CA LEU K 73 -31.50 -21.76 13.61
C LEU K 73 -32.49 -21.13 12.64
N ALA L 2 14.09 -65.44 4.26
CA ALA L 2 13.08 -64.35 4.57
C ALA L 2 12.58 -63.58 3.33
N GLU L 3 11.28 -63.73 3.07
CA GLU L 3 10.61 -63.06 2.00
C GLU L 3 10.15 -61.67 2.39
N ILE L 4 10.41 -60.68 1.54
CA ILE L 4 9.92 -59.33 1.77
C ILE L 4 8.49 -59.23 1.26
N LYS L 5 7.54 -59.03 2.18
CA LYS L 5 6.15 -58.93 1.84
C LYS L 5 5.72 -57.51 1.67
N HIS L 6 4.69 -57.31 0.84
CA HIS L 6 4.09 -55.96 0.69
C HIS L 6 2.71 -55.95 1.36
N TYR L 7 2.50 -55.04 2.31
CA TYR L 7 1.15 -54.83 2.84
C TYR L 7 0.67 -53.42 2.55
N GLN L 8 -0.64 -53.24 2.40
CA GLN L 8 -1.18 -51.90 2.33
C GLN L 8 -2.29 -51.71 3.33
N PHE L 9 -2.16 -50.71 4.20
CA PHE L 9 -3.24 -50.45 5.20
C PHE L 9 -4.07 -49.19 4.91
N ASN L 10 -5.36 -49.25 5.22
CA ASN L 10 -6.25 -48.07 5.10
C ASN L 10 -6.31 -47.44 6.51
N VAL L 11 -5.54 -46.36 6.71
CA VAL L 11 -5.37 -45.78 8.05
C VAL L 11 -5.99 -44.42 8.04
N VAL L 12 -6.89 -44.16 8.99
CA VAL L 12 -7.55 -42.87 9.09
C VAL L 12 -6.57 -41.79 9.65
N MET L 13 -5.78 -41.23 8.74
CA MET L 13 -4.87 -40.09 9.06
C MET L 13 -5.48 -38.76 8.52
N THR L 14 -5.49 -37.72 9.36
CA THR L 14 -6.23 -36.48 9.05
C THR L 14 -5.29 -35.30 8.95
N CYS L 15 -4.19 -35.32 9.72
CA CYS L 15 -3.22 -34.23 9.61
C CYS L 15 -1.83 -34.81 9.55
N SER L 16 -0.85 -33.94 9.37
CA SER L 16 0.52 -34.39 9.22
C SER L 16 1.08 -35.02 10.48
N GLY L 17 0.48 -34.79 11.64
CA GLY L 17 0.84 -35.51 12.85
C GLY L 17 0.41 -36.98 12.79
N CYS L 18 -0.75 -37.24 12.20
CA CYS L 18 -1.28 -38.58 12.09
C CYS L 18 -0.33 -39.45 11.23
N SER L 19 0.08 -38.93 10.09
CA SER L 19 0.95 -39.66 9.14
C SER L 19 2.38 -39.77 9.66
N GLY L 20 2.85 -38.68 10.33
CA GLY L 20 4.14 -38.66 11.02
C GLY L 20 4.23 -39.72 12.11
N ALA L 21 3.15 -39.93 12.89
CA ALA L 21 3.16 -40.91 13.96
C ALA L 21 3.23 -42.31 13.35
N VAL L 22 2.50 -42.53 12.29
CA VAL L 22 2.62 -43.78 11.51
C VAL L 22 4.02 -43.97 10.96
N ASN L 23 4.59 -42.93 10.32
CA ASN L 23 6.00 -42.98 9.87
C ASN L 23 6.94 -43.36 11.02
N LYS L 24 6.71 -42.75 12.19
CA LYS L 24 7.59 -42.91 13.34
C LYS L 24 7.64 -44.35 13.83
N VAL L 25 6.51 -45.03 13.96
CA VAL L 25 6.54 -46.36 14.48
C VAL L 25 7.01 -47.35 13.43
N LEU L 26 6.79 -47.06 12.16
CA LEU L 26 7.35 -47.93 11.11
C LEU L 26 8.89 -47.78 10.97
N THR L 27 9.40 -46.55 11.14
CA THR L 27 10.79 -46.22 10.97
C THR L 27 11.62 -46.91 12.06
N LYS L 28 11.01 -47.10 13.23
CA LYS L 28 11.64 -47.88 14.30
C LYS L 28 11.93 -49.33 13.94
N LEU L 29 11.34 -49.86 12.87
CA LEU L 29 11.41 -51.32 12.60
C LEU L 29 12.38 -51.63 11.50
N GLU L 30 13.04 -50.59 10.99
CA GLU L 30 14.02 -50.72 9.92
C GLU L 30 15.22 -51.43 10.53
N PRO L 31 16.00 -52.18 9.74
CA PRO L 31 15.89 -52.46 8.29
C PRO L 31 14.94 -53.61 8.00
N ASP L 32 14.35 -54.20 9.03
CA ASP L 32 13.36 -55.26 8.77
C ASP L 32 12.12 -54.81 7.97
N VAL L 33 11.59 -53.64 8.30
CA VAL L 33 10.75 -52.92 7.39
C VAL L 33 11.75 -52.20 6.47
N SER L 34 11.73 -52.52 5.17
CA SER L 34 12.78 -52.04 4.24
C SER L 34 12.25 -50.89 3.39
N LYS L 35 10.93 -50.75 3.30
CA LYS L 35 10.38 -49.63 2.57
C LYS L 35 9.01 -49.18 3.15
N ILE L 36 8.83 -47.86 3.29
CA ILE L 36 7.59 -47.26 3.78
C ILE L 36 7.03 -46.27 2.78
N ASP L 37 5.77 -46.42 2.39
CA ASP L 37 5.14 -45.42 1.53
C ASP L 37 3.76 -44.97 2.12
N ILE L 38 3.77 -43.78 2.67
CA ILE L 38 2.58 -43.25 3.35
C ILE L 38 1.95 -42.14 2.52
N SER L 39 0.68 -42.32 2.16
CA SER L 39 -0.09 -41.22 1.58
C SER L 39 -1.11 -40.66 2.59
N LEU L 40 -0.85 -39.50 3.15
CA LEU L 40 -1.85 -38.82 4.01
C LEU L 40 -3.18 -38.55 3.23
N GLU L 41 -3.07 -38.07 1.99
CA GLU L 41 -4.23 -37.66 1.18
C GLU L 41 -5.13 -38.86 0.83
N LYS L 42 -4.51 -39.98 0.54
CA LYS L 42 -5.32 -41.14 0.20
C LYS L 42 -5.57 -41.99 1.43
N GLN L 43 -5.00 -41.63 2.57
CA GLN L 43 -5.16 -42.45 3.76
C GLN L 43 -4.67 -43.92 3.57
N LEU L 44 -3.55 -44.06 2.89
CA LEU L 44 -2.98 -45.36 2.68
C LEU L 44 -1.55 -45.44 3.21
N VAL L 45 -1.21 -46.62 3.75
CA VAL L 45 0.13 -46.86 4.26
C VAL L 45 0.62 -48.15 3.63
N ASP L 46 1.68 -48.09 2.83
CA ASP L 46 2.29 -49.29 2.23
C ASP L 46 3.57 -49.69 2.99
N VAL L 47 3.68 -50.95 3.39
CA VAL L 47 4.81 -51.44 4.15
C VAL L 47 5.41 -52.63 3.42
N TYR L 48 6.72 -52.61 3.29
CA TYR L 48 7.43 -53.72 2.73
C TYR L 48 8.30 -54.27 3.83
N THR L 49 8.13 -55.54 4.19
CA THR L 49 8.72 -56.06 5.43
C THR L 49 8.81 -57.56 5.45
N THR L 50 9.75 -58.09 6.24
CA THR L 50 9.86 -59.52 6.45
C THR L 50 8.89 -59.94 7.55
N LEU L 51 8.31 -58.94 8.24
CA LEU L 51 7.48 -59.18 9.42
C LEU L 51 6.08 -59.50 9.02
N PRO L 52 5.36 -60.23 9.87
CA PRO L 52 4.01 -60.64 9.52
C PRO L 52 3.01 -59.48 9.51
N TYR L 53 1.97 -59.64 8.72
CA TYR L 53 0.93 -58.61 8.66
C TYR L 53 0.39 -58.17 10.04
N ASP L 54 0.06 -59.14 10.88
CA ASP L 54 -0.65 -58.85 12.16
C ASP L 54 0.29 -58.07 13.12
N PHE L 55 1.59 -58.34 13.03
CA PHE L 55 2.60 -57.61 13.77
C PHE L 55 2.61 -56.13 13.36
N ILE L 56 2.64 -55.87 12.05
CA ILE L 56 2.67 -54.52 11.52
C ILE L 56 1.37 -53.80 11.89
N LEU L 57 0.24 -54.51 11.76
CA LEU L 57 -1.06 -53.96 12.06
C LEU L 57 -1.10 -53.41 13.50
N GLU L 58 -0.64 -54.23 14.42
CA GLU L 58 -0.64 -53.91 15.83
C GLU L 58 0.25 -52.71 16.15
N LYS L 59 1.46 -52.69 15.59
CA LYS L 59 2.30 -51.48 15.66
C LYS L 59 1.59 -50.21 15.16
N ILE L 60 0.88 -50.30 14.05
CA ILE L 60 0.17 -49.11 13.52
C ILE L 60 -0.97 -48.69 14.46
N LYS L 61 -1.69 -49.70 14.95
CA LYS L 61 -2.78 -49.53 15.87
C LYS L 61 -2.27 -48.87 17.17
N LYS L 62 -1.05 -49.22 17.62
CA LYS L 62 -0.43 -48.48 18.72
C LYS L 62 -0.45 -46.97 18.60
N THR L 63 -0.44 -46.40 17.42
CA THR L 63 -0.51 -44.94 17.35
C THR L 63 -1.89 -44.42 17.74
N GLY L 64 -2.89 -45.28 17.79
CA GLY L 64 -4.24 -44.84 18.13
C GLY L 64 -5.06 -44.44 16.91
N LYS L 65 -4.46 -44.40 15.71
CA LYS L 65 -5.20 -44.18 14.45
C LYS L 65 -6.04 -45.36 14.07
N GLU L 66 -7.16 -45.08 13.44
CA GLU L 66 -8.03 -46.15 13.04
C GLU L 66 -7.55 -46.85 11.78
N VAL L 67 -7.59 -48.20 11.76
CA VAL L 67 -7.32 -48.96 10.55
C VAL L 67 -8.61 -49.55 10.02
N ARG L 68 -9.01 -49.21 8.80
CA ARG L 68 -10.30 -49.65 8.22
C ARG L 68 -10.04 -50.87 7.35
N SER L 69 -11.07 -51.40 6.71
CA SER L 69 -10.89 -52.34 5.59
C SER L 69 -10.59 -51.72 4.22
#